data_2EJA
#
_entry.id   2EJA
#
_cell.length_a   65.473
_cell.length_b   80.403
_cell.length_c   128.999
_cell.angle_alpha   90.00
_cell.angle_beta   90.00
_cell.angle_gamma   90.00
#
_symmetry.space_group_name_H-M   'P 21 21 21'
#
loop_
_entity.id
_entity.type
_entity.pdbx_description
1 polymer 'Uroporphyrinogen decarboxylase'
2 non-polymer 'ACETATE ION'
3 water water
#
_entity_poly.entity_id   1
_entity_poly.type   'polypeptide(L)'
_entity_poly.pdbx_seq_one_letter_code
;MPKNDLLLRSLRGEPIGRFPVWLMRQAGRYMPEYRKIRNRVKNFLELCKNVDLATEISLLPLKILGVDAIIIFSDILVPL
EPLGVKVEFVEGEGPKLSWSGKVSDLKKYDPSQNAYVYEIIKRVKEAQDEVPVIGFAGAPFTLLSYLIEGGASKDFKSTK
LFMWENPKEYKRLMDILTETVLAYLKEQIKAGADVVQIFDSWVNNLSLEDYGEYVYPYVNYLISELKDFSDTPVIYFFRG
SSSFIDLAVDYRADALSVDWSVDIPELFKIYDKGFQGNLEPAVLYASEEVIEEKTLGLLRRIPVKTRYVFNLGHGLAPDM
ELEKVKYLVDLVKSFPLT
;
_entity_poly.pdbx_strand_id   A,B
#
# COMPACT_ATOMS: atom_id res chain seq x y z
N PRO A 2 -4.97 35.84 10.97
CA PRO A 2 -6.40 35.59 10.73
C PRO A 2 -7.15 35.44 12.06
N LYS A 3 -8.47 35.57 12.02
CA LYS A 3 -9.29 35.47 13.22
C LYS A 3 -9.16 34.11 13.90
N ASN A 4 -9.00 33.07 13.10
CA ASN A 4 -8.86 31.70 13.58
C ASN A 4 -7.46 31.24 13.20
N ASP A 5 -6.59 31.02 14.17
CA ASP A 5 -5.26 30.55 13.84
C ASP A 5 -4.92 29.24 14.53
N LEU A 6 -5.94 28.44 14.79
CA LEU A 6 -5.79 27.13 15.43
C LEU A 6 -4.75 26.27 14.70
N LEU A 7 -4.80 26.28 13.37
CA LEU A 7 -3.85 25.48 12.58
C LEU A 7 -2.40 25.87 12.84
N LEU A 8 -2.13 27.17 12.85
CA LEU A 8 -0.77 27.64 13.08
C LEU A 8 -0.31 27.39 14.51
N ARG A 9 -1.17 27.67 15.48
CA ARG A 9 -0.84 27.44 16.87
C ARG A 9 -0.54 25.96 17.09
N SER A 10 -1.33 25.09 16.49
CA SER A 10 -1.12 23.66 16.65
C SER A 10 0.22 23.25 16.06
N LEU A 11 0.48 23.70 14.84
CA LEU A 11 1.72 23.37 14.16
C LEU A 11 2.94 23.90 14.92
N ARG A 12 2.80 25.05 15.58
CA ARG A 12 3.91 25.61 16.34
C ARG A 12 3.99 25.01 17.75
N GLY A 13 3.09 24.07 18.05
CA GLY A 13 3.10 23.43 19.36
C GLY A 13 2.61 24.30 20.50
N GLU A 14 1.83 25.31 20.18
CA GLU A 14 1.28 26.23 21.18
C GLU A 14 -0.10 25.76 21.67
N PRO A 15 -0.60 26.34 22.77
CA PRO A 15 -1.92 25.92 23.28
C PRO A 15 -3.06 26.21 22.31
N ILE A 16 -4.01 25.27 22.22
CA ILE A 16 -5.17 25.42 21.35
C ILE A 16 -6.39 24.93 22.11
N GLY A 17 -7.53 25.56 21.85
CA GLY A 17 -8.76 25.19 22.54
C GLY A 17 -9.36 23.88 22.05
N ARG A 18 -9.10 23.57 20.77
CA ARG A 18 -9.59 22.34 20.16
C ARG A 18 -8.68 22.01 18.97
N PHE A 19 -8.81 20.82 18.41
CA PHE A 19 -7.96 20.45 17.28
C PHE A 19 -8.44 21.11 15.99
N PRO A 20 -7.51 21.59 15.16
CA PRO A 20 -7.89 22.23 13.89
C PRO A 20 -8.13 21.15 12.84
N VAL A 21 -8.96 21.47 11.85
CA VAL A 21 -9.24 20.53 10.79
C VAL A 21 -9.40 21.17 9.42
N TRP A 22 -8.88 20.48 8.41
CA TRP A 22 -9.02 20.89 7.01
C TRP A 22 -8.91 19.56 6.27
N LEU A 23 -9.40 19.49 5.05
CA LEU A 23 -9.37 18.24 4.32
C LEU A 23 -8.75 18.34 2.96
N MET A 24 -7.87 17.41 2.63
CA MET A 24 -7.25 17.40 1.33
C MET A 24 -8.37 17.21 0.32
N ARG A 25 -8.31 18.03 -0.74
CA ARG A 25 -9.32 18.05 -1.79
C ARG A 25 -10.67 18.56 -1.27
N GLN A 26 -10.63 19.41 -0.22
CA GLN A 26 -11.88 19.95 0.33
C GLN A 26 -12.70 20.71 -0.71
N ALA A 27 -12.05 21.20 -1.76
CA ALA A 27 -12.77 21.90 -2.83
C ALA A 27 -12.89 20.90 -3.98
N GLY A 28 -14.11 20.56 -4.37
CA GLY A 28 -14.28 19.61 -5.45
C GLY A 28 -15.64 19.65 -6.10
N ARG A 29 -15.83 18.84 -7.13
CA ARG A 29 -17.10 18.81 -7.85
C ARG A 29 -18.30 18.47 -6.98
N TYR A 30 -18.06 17.93 -5.78
CA TYR A 30 -19.18 17.59 -4.92
C TYR A 30 -19.91 18.85 -4.46
N MET A 31 -19.30 20.01 -4.72
CA MET A 31 -19.93 21.29 -4.37
C MET A 31 -20.52 21.93 -5.63
N PRO A 32 -21.83 22.19 -5.63
CA PRO A 32 -22.49 22.81 -6.77
C PRO A 32 -21.81 24.09 -7.28
N GLU A 33 -21.41 24.96 -6.36
CA GLU A 33 -20.76 26.20 -6.76
C GLU A 33 -19.46 25.91 -7.50
N TYR A 34 -18.79 24.84 -7.10
CA TYR A 34 -17.54 24.46 -7.77
C TYR A 34 -17.83 24.09 -9.21
N ARG A 35 -18.90 23.32 -9.41
CA ARG A 35 -19.27 22.90 -10.76
C ARG A 35 -19.62 24.08 -11.67
N LYS A 36 -20.32 25.06 -11.12
CA LYS A 36 -20.70 26.22 -11.92
C LYS A 36 -19.49 27.06 -12.29
N ILE A 37 -18.52 27.16 -11.39
CA ILE A 37 -17.33 27.92 -11.69
C ILE A 37 -16.50 27.18 -12.74
N ARG A 38 -16.38 25.85 -12.59
CA ARG A 38 -15.61 25.07 -13.56
C ARG A 38 -16.16 25.18 -14.98
N ASN A 39 -17.48 25.30 -15.10
CA ASN A 39 -18.07 25.39 -16.44
C ASN A 39 -17.88 26.77 -17.08
N ARG A 40 -17.27 27.69 -16.33
CA ARG A 40 -17.03 29.04 -16.85
C ARG A 40 -15.79 29.08 -17.74
N VAL A 41 -14.99 27.97 -17.71
CA VAL A 41 -13.74 27.97 -18.49
C VAL A 41 -13.54 26.73 -19.35
N LYS A 42 -12.89 27.00 -20.49
CA LYS A 42 -12.60 25.94 -21.46
C LYS A 42 -11.86 24.77 -20.81
N ASN A 43 -10.53 24.95 -20.58
CA ASN A 43 -9.65 23.85 -20.00
C ASN A 43 -9.42 23.96 -18.46
N PHE A 44 -9.01 22.80 -17.78
CA PHE A 44 -8.66 22.76 -16.31
C PHE A 44 -7.39 23.55 -15.95
N LEU A 45 -6.41 23.54 -16.86
CA LEU A 45 -5.21 24.33 -16.66
C LEU A 45 -5.54 25.82 -16.73
N GLU A 46 -6.47 26.19 -17.61
CA GLU A 46 -6.89 27.58 -17.76
C GLU A 46 -7.56 28.01 -16.45
N LEU A 47 -8.35 27.11 -15.89
CA LEU A 47 -9.03 27.39 -14.63
C LEU A 47 -8.00 27.65 -13.55
N CYS A 48 -6.92 26.85 -13.52
CA CYS A 48 -5.89 27.03 -12.52
C CYS A 48 -5.21 28.39 -12.71
N LYS A 49 -5.10 28.84 -13.96
CA LYS A 49 -4.46 30.12 -14.27
C LYS A 49 -5.40 31.32 -14.14
N ASN A 50 -6.69 31.05 -13.95
CA ASN A 50 -7.65 32.14 -13.80
C ASN A 50 -7.63 32.55 -12.32
N VAL A 51 -6.92 33.64 -12.02
CA VAL A 51 -6.80 34.08 -10.63
C VAL A 51 -8.14 34.37 -9.94
N ASP A 52 -9.06 35.03 -10.64
CA ASP A 52 -10.37 35.33 -10.05
C ASP A 52 -11.14 34.07 -9.63
N LEU A 53 -11.23 33.11 -10.54
CA LEU A 53 -11.98 31.88 -10.28
C LEU A 53 -11.26 30.93 -9.34
N ALA A 54 -9.93 30.83 -9.44
CA ALA A 54 -9.20 29.94 -8.56
C ALA A 54 -9.38 30.43 -7.11
N THR A 55 -9.40 31.75 -6.95
CA THR A 55 -9.59 32.38 -5.65
C THR A 55 -11.00 32.05 -5.15
N GLU A 56 -12.00 32.16 -6.03
CA GLU A 56 -13.36 31.85 -5.64
C GLU A 56 -13.45 30.40 -5.13
N ILE A 57 -12.87 29.48 -5.88
CA ILE A 57 -12.90 28.07 -5.51
C ILE A 57 -12.20 27.83 -4.17
N SER A 58 -11.04 28.47 -4.00
CA SER A 58 -10.25 28.36 -2.78
C SER A 58 -11.08 28.69 -1.53
N LEU A 59 -12.00 29.63 -1.68
CA LEU A 59 -12.82 30.09 -0.57
C LEU A 59 -14.05 29.25 -0.25
N LEU A 60 -14.52 28.47 -1.22
CA LEU A 60 -15.70 27.65 -1.02
C LEU A 60 -15.67 26.73 0.22
N PRO A 61 -14.56 25.99 0.43
CA PRO A 61 -14.56 25.13 1.62
C PRO A 61 -14.78 25.92 2.91
N LEU A 62 -14.19 27.10 2.98
CA LEU A 62 -14.34 27.94 4.17
C LEU A 62 -15.82 28.22 4.44
N LYS A 63 -16.52 28.67 3.41
CA LYS A 63 -17.95 28.99 3.57
C LYS A 63 -18.83 27.76 3.72
N ILE A 64 -18.60 26.74 2.90
CA ILE A 64 -19.43 25.56 2.94
C ILE A 64 -19.16 24.57 4.06
N LEU A 65 -17.89 24.30 4.34
CA LEU A 65 -17.52 23.35 5.39
C LEU A 65 -17.14 23.98 6.72
N GLY A 66 -16.63 25.21 6.69
CA GLY A 66 -16.22 25.83 7.93
C GLY A 66 -14.90 25.24 8.40
N VAL A 67 -14.09 24.75 7.47
CA VAL A 67 -12.79 24.19 7.83
C VAL A 67 -11.87 25.28 8.40
N ASP A 68 -10.87 24.85 9.15
CA ASP A 68 -9.91 25.74 9.82
C ASP A 68 -8.77 26.31 8.97
N ALA A 69 -8.80 26.03 7.67
CA ALA A 69 -7.77 26.54 6.77
C ALA A 69 -8.22 26.37 5.34
N ILE A 70 -7.67 27.21 4.47
CA ILE A 70 -7.94 27.18 3.04
C ILE A 70 -6.67 26.72 2.35
N ILE A 71 -6.78 25.85 1.37
CA ILE A 71 -5.61 25.45 0.61
C ILE A 71 -5.90 26.02 -0.78
N ILE A 72 -4.95 26.77 -1.33
CA ILE A 72 -5.17 27.40 -2.62
C ILE A 72 -5.53 26.37 -3.68
N PHE A 73 -6.46 26.73 -4.55
CA PHE A 73 -6.87 25.85 -5.63
C PHE A 73 -5.81 25.85 -6.74
N SER A 74 -5.22 24.70 -7.00
CA SER A 74 -4.21 24.57 -8.05
C SER A 74 -3.99 23.09 -8.30
N ASP A 75 -2.91 22.76 -8.98
CA ASP A 75 -2.60 21.36 -9.26
C ASP A 75 -1.11 21.19 -9.03
N ILE A 76 -0.69 20.00 -8.60
CA ILE A 76 0.73 19.76 -8.34
C ILE A 76 1.56 19.76 -9.63
N LEU A 77 0.91 19.63 -10.78
CA LEU A 77 1.64 19.59 -12.04
C LEU A 77 2.01 20.92 -12.69
N VAL A 78 1.49 22.04 -12.18
CA VAL A 78 1.77 23.34 -12.80
C VAL A 78 3.24 23.80 -12.91
N PRO A 79 4.09 23.47 -11.93
CA PRO A 79 5.47 23.94 -12.12
C PRO A 79 6.23 23.17 -13.21
N LEU A 80 5.61 22.12 -13.74
CA LEU A 80 6.27 21.34 -14.79
C LEU A 80 6.16 22.04 -16.15
N GLU A 81 5.15 22.89 -16.31
CA GLU A 81 4.98 23.59 -17.58
C GLU A 81 6.14 24.51 -17.91
N PRO A 82 6.62 25.31 -16.93
CA PRO A 82 7.74 26.21 -17.22
C PRO A 82 9.03 25.45 -17.59
N LEU A 83 9.10 24.17 -17.25
CA LEU A 83 10.27 23.35 -17.57
C LEU A 83 10.20 22.92 -19.04
N GLY A 84 9.13 23.30 -19.71
CA GLY A 84 8.97 22.95 -21.11
C GLY A 84 8.17 21.68 -21.35
N VAL A 85 7.39 21.27 -20.36
CA VAL A 85 6.59 20.06 -20.49
C VAL A 85 5.14 20.44 -20.74
N LYS A 86 4.50 19.77 -21.70
CA LYS A 86 3.10 20.06 -21.99
C LYS A 86 2.22 19.37 -20.95
N VAL A 87 1.44 20.17 -20.25
CA VAL A 87 0.54 19.69 -19.20
C VAL A 87 -0.91 19.86 -19.64
N GLU A 88 -1.60 18.73 -19.78
CA GLU A 88 -3.00 18.72 -20.20
C GLU A 88 -3.85 17.94 -19.21
N PHE A 89 -5.14 18.27 -19.15
CA PHE A 89 -6.07 17.56 -18.28
C PHE A 89 -7.28 17.17 -19.11
N VAL A 90 -7.25 15.97 -19.68
CA VAL A 90 -8.35 15.48 -20.50
C VAL A 90 -9.46 15.06 -19.54
N GLU A 91 -10.57 15.78 -19.56
CA GLU A 91 -11.66 15.44 -18.65
C GLU A 91 -12.22 14.06 -18.93
N GLY A 92 -12.20 13.21 -17.90
CA GLY A 92 -12.68 11.85 -18.05
C GLY A 92 -11.54 10.85 -18.10
N GLU A 93 -10.34 11.32 -18.44
CA GLU A 93 -9.18 10.44 -18.52
C GLU A 93 -8.10 10.73 -17.47
N GLY A 94 -7.81 12.00 -17.24
CA GLY A 94 -6.80 12.36 -16.26
C GLY A 94 -5.68 13.21 -16.86
N PRO A 95 -4.63 13.53 -16.08
CA PRO A 95 -3.51 14.34 -16.58
C PRO A 95 -2.68 13.62 -17.64
N LYS A 96 -2.16 14.40 -18.58
CA LYS A 96 -1.32 13.90 -19.66
C LYS A 96 -0.11 14.84 -19.75
N LEU A 97 1.09 14.29 -19.62
CA LEU A 97 2.33 15.07 -19.68
C LEU A 97 3.13 14.66 -20.91
N SER A 98 3.52 15.64 -21.72
CA SER A 98 4.28 15.37 -22.95
C SER A 98 5.63 16.08 -22.99
N TRP A 99 6.69 15.32 -23.19
CA TRP A 99 8.03 15.89 -23.30
C TRP A 99 8.95 14.83 -23.91
N SER A 100 10.13 15.25 -24.33
CA SER A 100 11.09 14.35 -24.98
C SER A 100 11.56 13.15 -24.16
N GLY A 101 11.60 13.30 -22.84
CA GLY A 101 12.06 12.21 -21.99
C GLY A 101 13.54 12.38 -21.69
N LYS A 102 14.14 13.41 -22.28
CA LYS A 102 15.55 13.71 -22.09
C LYS A 102 15.70 14.90 -21.14
N VAL A 103 16.37 14.69 -20.01
CA VAL A 103 16.57 15.75 -19.03
C VAL A 103 17.18 17.01 -19.62
N SER A 104 18.10 16.83 -20.56
CA SER A 104 18.75 17.98 -21.19
C SER A 104 17.79 18.87 -21.98
N ASP A 105 16.58 18.39 -22.25
CA ASP A 105 15.61 19.17 -23.00
C ASP A 105 14.73 20.05 -22.11
N LEU A 106 14.80 19.84 -20.81
CA LEU A 106 14.02 20.64 -19.87
C LEU A 106 14.64 22.03 -19.81
N LYS A 107 13.80 23.05 -19.68
CA LYS A 107 14.29 24.42 -19.60
C LYS A 107 14.53 24.83 -18.16
N LYS A 108 15.43 25.77 -17.96
CA LYS A 108 15.73 26.26 -16.62
C LYS A 108 14.45 26.84 -16.04
N TYR A 109 14.11 26.40 -14.82
CA TYR A 109 12.90 26.88 -14.18
C TYR A 109 12.93 28.36 -13.86
N ASP A 110 11.88 29.07 -14.27
CA ASP A 110 11.71 30.49 -14.01
C ASP A 110 10.43 30.55 -13.16
N PRO A 111 10.59 30.77 -11.85
CA PRO A 111 9.47 30.84 -10.88
C PRO A 111 8.37 31.83 -11.26
N SER A 112 8.73 32.89 -11.97
CA SER A 112 7.74 33.88 -12.35
C SER A 112 6.71 33.30 -13.30
N GLN A 113 7.05 32.20 -13.97
CA GLN A 113 6.14 31.55 -14.91
C GLN A 113 4.92 30.92 -14.22
N ASN A 114 4.97 30.80 -12.90
CA ASN A 114 3.84 30.26 -12.14
C ASN A 114 3.28 31.37 -11.25
N ALA A 115 3.51 32.61 -11.67
CA ALA A 115 3.07 33.78 -10.92
C ALA A 115 1.59 33.75 -10.55
N TYR A 116 0.76 33.19 -11.42
CA TYR A 116 -0.67 33.15 -11.13
C TYR A 116 -0.94 32.47 -9.78
N VAL A 117 -0.12 31.48 -9.45
CA VAL A 117 -0.27 30.76 -8.17
C VAL A 117 -0.03 31.70 -6.98
N TYR A 118 1.03 32.51 -7.06
CA TYR A 118 1.34 33.45 -5.98
C TYR A 118 0.29 34.56 -5.92
N GLU A 119 -0.33 34.85 -7.05
CA GLU A 119 -1.37 35.89 -7.10
C GLU A 119 -2.63 35.38 -6.43
N ILE A 120 -2.88 34.08 -6.55
CA ILE A 120 -4.05 33.46 -5.93
C ILE A 120 -3.83 33.51 -4.41
N ILE A 121 -2.64 33.15 -3.96
CA ILE A 121 -2.35 33.20 -2.52
C ILE A 121 -2.63 34.61 -2.00
N LYS A 122 -2.08 35.60 -2.68
CA LYS A 122 -2.28 36.99 -2.29
C LYS A 122 -3.74 37.39 -2.32
N ARG A 123 -4.45 37.01 -3.39
CA ARG A 123 -5.86 37.36 -3.53
C ARG A 123 -6.72 36.71 -2.43
N VAL A 124 -6.42 35.44 -2.12
CA VAL A 124 -7.14 34.70 -1.09
C VAL A 124 -6.94 35.37 0.27
N LYS A 125 -5.72 35.83 0.54
CA LYS A 125 -5.43 36.49 1.82
C LYS A 125 -6.17 37.83 1.89
N GLU A 126 -6.36 38.46 0.75
CA GLU A 126 -7.06 39.74 0.67
C GLU A 126 -8.56 39.55 0.72
N ALA A 127 -9.02 38.39 0.26
CA ALA A 127 -10.43 38.07 0.19
C ALA A 127 -11.08 37.69 1.52
N GLN A 128 -10.29 37.22 2.47
CA GLN A 128 -10.83 36.81 3.75
C GLN A 128 -9.76 36.82 4.81
N ASP A 129 -10.16 37.02 6.07
CA ASP A 129 -9.18 37.01 7.14
C ASP A 129 -9.71 36.12 8.25
N GLU A 130 -10.42 35.08 7.86
CA GLU A 130 -10.98 34.14 8.80
C GLU A 130 -9.99 33.06 9.21
N VAL A 131 -9.30 32.48 8.23
CA VAL A 131 -8.35 31.39 8.47
C VAL A 131 -7.04 31.49 7.67
N PRO A 132 -6.03 30.69 8.06
CA PRO A 132 -4.71 30.67 7.39
C PRO A 132 -4.86 30.08 5.98
N VAL A 133 -3.90 30.38 5.11
CA VAL A 133 -3.90 29.87 3.74
C VAL A 133 -2.71 28.94 3.57
N ILE A 134 -2.96 27.78 2.97
CA ILE A 134 -1.93 26.78 2.75
C ILE A 134 -1.45 26.77 1.30
N GLY A 135 -0.14 26.89 1.11
CA GLY A 135 0.42 26.81 -0.23
C GLY A 135 0.88 25.36 -0.39
N PHE A 136 1.10 24.89 -1.60
CA PHE A 136 1.54 23.51 -1.75
C PHE A 136 2.26 23.23 -3.07
N ALA A 137 2.88 22.06 -3.14
CA ALA A 137 3.57 21.61 -4.33
C ALA A 137 3.69 20.10 -4.24
N GLY A 138 3.87 19.45 -5.39
CA GLY A 138 4.06 18.01 -5.37
C GLY A 138 5.52 17.79 -5.00
N ALA A 139 5.83 16.66 -4.41
CA ALA A 139 7.21 16.36 -4.01
C ALA A 139 7.96 15.93 -5.27
N PRO A 140 9.30 16.10 -5.28
CA PRO A 140 10.04 15.70 -6.47
C PRO A 140 9.83 14.29 -7.02
N PHE A 141 9.78 13.27 -6.16
CA PHE A 141 9.60 11.93 -6.71
C PHE A 141 8.25 11.78 -7.40
N THR A 142 7.20 12.23 -6.74
CA THR A 142 5.87 12.12 -7.32
C THR A 142 5.80 12.84 -8.67
N LEU A 143 6.41 14.02 -8.77
CA LEU A 143 6.40 14.74 -10.04
C LEU A 143 7.22 13.99 -11.09
N LEU A 144 8.34 13.40 -10.67
CA LEU A 144 9.17 12.66 -11.60
C LEU A 144 8.39 11.46 -12.14
N SER A 145 7.64 10.78 -11.27
CA SER A 145 6.87 9.62 -11.72
C SER A 145 5.81 10.04 -12.75
N TYR A 146 5.17 11.20 -12.54
CA TYR A 146 4.18 11.70 -13.49
C TYR A 146 4.89 11.96 -14.83
N LEU A 147 6.09 12.52 -14.77
CA LEU A 147 6.86 12.81 -16.00
C LEU A 147 7.28 11.57 -16.77
N ILE A 148 7.67 10.53 -16.05
CA ILE A 148 8.12 9.29 -16.70
C ILE A 148 6.92 8.47 -17.19
N GLU A 149 5.85 8.47 -16.43
CA GLU A 149 4.66 7.71 -16.80
C GLU A 149 3.83 8.49 -17.84
N GLY A 150 4.17 9.76 -18.03
CA GLY A 150 3.44 10.59 -18.97
C GLY A 150 2.05 10.91 -18.45
N GLY A 151 1.86 10.70 -17.15
CA GLY A 151 0.57 10.93 -16.54
C GLY A 151 0.37 9.95 -15.40
N ALA A 152 -0.64 9.07 -15.52
CA ALA A 152 -0.88 8.05 -14.49
C ALA A 152 -0.36 6.72 -15.02
N SER A 153 -0.22 5.74 -14.14
CA SER A 153 0.32 4.48 -14.69
C SER A 153 -0.47 3.26 -14.24
N LYS A 154 -0.77 3.27 -12.90
CA LYS A 154 -1.20 2.09 -12.13
C LYS A 154 -0.22 0.90 -12.02
N ASP A 155 1.07 1.10 -12.39
CA ASP A 155 2.03 0.05 -12.09
C ASP A 155 3.42 0.60 -11.82
N PHE A 156 3.62 1.90 -12.28
CA PHE A 156 4.91 2.64 -12.18
C PHE A 156 6.13 1.81 -12.66
N LYS A 157 5.84 0.87 -13.59
CA LYS A 157 6.91 0.03 -14.13
C LYS A 157 8.00 0.89 -14.76
N SER A 158 7.59 1.82 -15.61
CA SER A 158 8.52 2.71 -16.29
C SER A 158 9.33 3.55 -15.31
N THR A 159 8.67 4.02 -14.25
CA THR A 159 9.35 4.83 -13.26
C THR A 159 10.46 4.03 -12.59
N LYS A 160 10.12 2.81 -12.20
CA LYS A 160 11.08 1.94 -11.54
C LYS A 160 12.24 1.58 -12.45
N LEU A 161 11.96 1.21 -13.70
CA LEU A 161 13.04 0.88 -14.61
C LEU A 161 13.95 2.09 -14.83
N PHE A 162 13.35 3.27 -14.99
CA PHE A 162 14.13 4.48 -15.18
C PHE A 162 15.06 4.67 -13.97
N MET A 163 14.49 4.56 -12.78
CA MET A 163 15.22 4.73 -11.54
C MET A 163 16.34 3.69 -11.33
N TRP A 164 16.06 2.42 -11.62
CA TRP A 164 17.05 1.37 -11.42
C TRP A 164 18.11 1.25 -12.52
N GLU A 165 17.67 1.42 -13.77
CA GLU A 165 18.59 1.28 -14.88
C GLU A 165 19.29 2.54 -15.36
N ASN A 166 18.72 3.71 -15.05
CA ASN A 166 19.33 4.97 -15.46
C ASN A 166 19.49 5.95 -14.29
N PRO A 167 20.25 5.55 -13.27
CA PRO A 167 20.48 6.39 -12.08
C PRO A 167 21.08 7.76 -12.35
N LYS A 168 21.88 7.89 -13.40
CA LYS A 168 22.48 9.19 -13.70
C LYS A 168 21.40 10.19 -14.11
N GLU A 169 20.53 9.77 -15.03
CA GLU A 169 19.46 10.65 -15.48
C GLU A 169 18.40 10.82 -14.40
N TYR A 170 18.23 9.80 -13.57
CA TYR A 170 17.26 9.91 -12.48
C TYR A 170 17.73 11.00 -11.53
N LYS A 171 19.02 11.00 -11.19
CA LYS A 171 19.58 12.01 -10.30
C LYS A 171 19.45 13.41 -10.93
N ARG A 172 19.82 13.53 -12.20
CA ARG A 172 19.72 14.81 -12.88
C ARG A 172 18.29 15.38 -12.82
N LEU A 173 17.32 14.52 -13.06
CA LEU A 173 15.92 14.94 -13.04
C LEU A 173 15.45 15.29 -11.61
N MET A 174 15.82 14.46 -10.64
CA MET A 174 15.43 14.74 -9.27
C MET A 174 16.08 16.03 -8.79
N ASP A 175 17.30 16.31 -9.22
CA ASP A 175 17.97 17.55 -8.83
C ASP A 175 17.18 18.74 -9.36
N ILE A 176 16.76 18.64 -10.62
CA ILE A 176 15.99 19.71 -11.25
C ILE A 176 14.64 19.91 -10.56
N LEU A 177 13.92 18.81 -10.34
CA LEU A 177 12.62 18.88 -9.72
C LEU A 177 12.72 19.36 -8.28
N THR A 178 13.76 18.93 -7.57
CA THR A 178 13.92 19.37 -6.18
C THR A 178 14.17 20.88 -6.12
N GLU A 179 15.04 21.39 -6.98
CA GLU A 179 15.31 22.83 -6.99
C GLU A 179 14.10 23.63 -7.49
N THR A 180 13.34 23.04 -8.42
CA THR A 180 12.15 23.69 -8.96
C THR A 180 11.09 23.83 -7.86
N VAL A 181 10.83 22.72 -7.16
CA VAL A 181 9.86 22.72 -6.07
C VAL A 181 10.31 23.67 -4.96
N LEU A 182 11.61 23.69 -4.68
CA LEU A 182 12.13 24.58 -3.64
C LEU A 182 11.86 26.05 -3.97
N ALA A 183 12.20 26.47 -5.19
CA ALA A 183 12.00 27.86 -5.62
C ALA A 183 10.52 28.24 -5.69
N TYR A 184 9.72 27.31 -6.19
CA TYR A 184 8.28 27.49 -6.34
C TYR A 184 7.63 27.70 -4.96
N LEU A 185 7.93 26.81 -4.01
CA LEU A 185 7.39 26.94 -2.67
C LEU A 185 7.86 28.23 -2.00
N LYS A 186 9.11 28.61 -2.26
CA LYS A 186 9.67 29.85 -1.70
C LYS A 186 8.85 31.05 -2.17
N GLU A 187 8.49 31.08 -3.45
CA GLU A 187 7.69 32.20 -3.97
C GLU A 187 6.31 32.24 -3.32
N GLN A 188 5.76 31.06 -3.02
CA GLN A 188 4.45 30.99 -2.38
C GLN A 188 4.55 31.56 -0.98
N ILE A 189 5.68 31.32 -0.32
CA ILE A 189 5.91 31.82 1.02
C ILE A 189 6.03 33.35 0.98
N LYS A 190 6.81 33.86 0.02
CA LYS A 190 6.97 35.30 -0.14
C LYS A 190 5.62 35.94 -0.41
N ALA A 191 4.76 35.23 -1.15
CA ALA A 191 3.44 35.74 -1.49
C ALA A 191 2.47 35.75 -0.30
N GLY A 192 2.82 35.07 0.79
CA GLY A 192 1.95 35.07 1.95
C GLY A 192 1.41 33.76 2.49
N ALA A 193 1.84 32.63 1.93
CA ALA A 193 1.37 31.34 2.41
C ALA A 193 1.70 31.19 3.91
N ASP A 194 0.72 30.83 4.72
CA ASP A 194 0.93 30.67 6.15
C ASP A 194 1.56 29.31 6.48
N VAL A 195 1.34 28.36 5.58
CA VAL A 195 1.84 27.02 5.73
C VAL A 195 2.08 26.49 4.31
N VAL A 196 3.03 25.59 4.16
CA VAL A 196 3.25 24.97 2.85
C VAL A 196 3.27 23.45 3.01
N GLN A 197 2.51 22.76 2.16
CA GLN A 197 2.45 21.31 2.23
C GLN A 197 3.04 20.70 0.97
N ILE A 198 3.90 19.71 1.19
CA ILE A 198 4.56 18.99 0.12
C ILE A 198 3.83 17.64 -0.03
N PHE A 199 3.26 17.40 -1.20
CA PHE A 199 2.53 16.17 -1.47
C PHE A 199 3.35 15.09 -2.21
N ASP A 200 3.68 14.00 -1.51
CA ASP A 200 4.42 12.89 -2.12
C ASP A 200 3.41 11.73 -2.19
N SER A 201 2.40 11.91 -3.03
CA SER A 201 1.32 10.93 -3.20
C SER A 201 1.66 9.56 -3.77
N TRP A 202 2.68 9.48 -4.61
CA TRP A 202 3.04 8.23 -5.26
C TRP A 202 4.23 7.42 -4.73
N VAL A 203 4.86 7.86 -3.64
CA VAL A 203 5.98 7.09 -3.11
C VAL A 203 5.59 5.75 -2.52
N ASN A 204 4.28 5.54 -2.30
CA ASN A 204 3.83 4.27 -1.75
C ASN A 204 4.13 3.13 -2.72
N ASN A 205 4.46 3.49 -3.95
CA ASN A 205 4.80 2.51 -4.97
C ASN A 205 6.27 2.10 -4.90
N LEU A 206 7.00 2.61 -3.91
CA LEU A 206 8.42 2.27 -3.76
C LEU A 206 8.67 1.36 -2.55
N SER A 207 9.71 0.54 -2.67
CA SER A 207 10.13 -0.33 -1.59
C SER A 207 10.79 0.60 -0.57
N LEU A 208 10.89 0.16 0.67
CA LEU A 208 11.53 1.00 1.69
C LEU A 208 12.97 1.31 1.29
N GLU A 209 13.69 0.33 0.77
CA GLU A 209 15.07 0.61 0.40
C GLU A 209 15.21 1.64 -0.72
N ASP A 210 14.31 1.62 -1.69
CA ASP A 210 14.39 2.57 -2.79
C ASP A 210 14.04 3.98 -2.31
N TYR A 211 13.11 4.10 -1.37
CA TYR A 211 12.74 5.41 -0.84
C TYR A 211 13.95 6.02 -0.13
N GLY A 212 14.59 5.21 0.71
CA GLY A 212 15.75 5.67 1.45
C GLY A 212 16.90 6.08 0.55
N GLU A 213 17.14 5.31 -0.49
CA GLU A 213 18.23 5.63 -1.40
C GLU A 213 17.92 6.71 -2.44
N TYR A 214 16.76 6.63 -3.06
CA TYR A 214 16.42 7.56 -4.14
C TYR A 214 15.48 8.72 -3.88
N VAL A 215 14.89 8.79 -2.69
CA VAL A 215 13.95 9.87 -2.41
C VAL A 215 14.33 10.68 -1.19
N TYR A 216 14.65 9.97 -0.11
CA TYR A 216 15.02 10.60 1.15
C TYR A 216 15.98 11.78 1.04
N PRO A 217 17.13 11.61 0.33
CA PRO A 217 18.07 12.71 0.21
C PRO A 217 17.49 14.01 -0.37
N TYR A 218 16.66 13.86 -1.39
CA TYR A 218 16.04 15.01 -2.04
C TYR A 218 14.99 15.71 -1.17
N VAL A 219 14.17 14.93 -0.49
CA VAL A 219 13.14 15.52 0.37
C VAL A 219 13.77 16.17 1.59
N ASN A 220 14.82 15.55 2.13
CA ASN A 220 15.49 16.09 3.30
C ASN A 220 16.07 17.46 2.95
N TYR A 221 16.71 17.55 1.78
CA TYR A 221 17.31 18.79 1.30
C TYR A 221 16.21 19.84 1.11
N LEU A 222 15.17 19.46 0.38
CA LEU A 222 14.05 20.36 0.13
C LEU A 222 13.50 20.99 1.40
N ILE A 223 13.21 20.15 2.39
CA ILE A 223 12.65 20.65 3.63
C ILE A 223 13.62 21.47 4.46
N SER A 224 14.87 21.03 4.55
CA SER A 224 15.83 21.79 5.33
C SER A 224 16.02 23.16 4.73
N GLU A 225 16.07 23.24 3.40
CA GLU A 225 16.24 24.53 2.73
C GLU A 225 15.06 25.46 2.98
N LEU A 226 13.85 24.90 3.02
CA LEU A 226 12.68 25.74 3.27
C LEU A 226 12.75 26.28 4.68
N LYS A 227 13.11 25.42 5.64
CA LYS A 227 13.18 25.84 7.03
C LYS A 227 14.29 26.88 7.25
N ASP A 228 15.34 26.84 6.43
CA ASP A 228 16.42 27.82 6.57
C ASP A 228 15.96 29.15 5.96
N PHE A 229 15.02 29.05 5.02
CA PHE A 229 14.48 30.21 4.33
C PHE A 229 13.44 30.97 5.15
N SER A 230 12.56 30.23 5.81
CA SER A 230 11.48 30.84 6.56
C SER A 230 10.98 29.95 7.70
N ASP A 231 10.39 30.56 8.72
CA ASP A 231 9.84 29.81 9.83
C ASP A 231 8.47 29.23 9.45
N THR A 232 8.03 29.51 8.23
CA THR A 232 6.73 29.01 7.77
C THR A 232 6.65 27.51 8.04
N PRO A 233 5.56 27.05 8.68
CA PRO A 233 5.42 25.62 8.97
C PRO A 233 5.43 24.78 7.70
N VAL A 234 6.14 23.65 7.74
CA VAL A 234 6.20 22.77 6.58
C VAL A 234 5.57 21.43 6.90
N ILE A 235 4.65 20.99 6.05
CA ILE A 235 4.00 19.71 6.24
C ILE A 235 4.39 18.79 5.10
N TYR A 236 4.87 17.61 5.42
CA TYR A 236 5.26 16.63 4.40
C TYR A 236 4.23 15.50 4.40
N PHE A 237 3.52 15.37 3.28
CA PHE A 237 2.52 14.34 3.14
C PHE A 237 3.08 13.18 2.34
N PHE A 238 2.85 11.96 2.81
CA PHE A 238 3.34 10.80 2.09
C PHE A 238 2.49 9.55 2.32
N ARG A 239 2.23 8.83 1.24
CA ARG A 239 1.47 7.59 1.29
C ARG A 239 2.47 6.49 1.65
N GLY A 240 1.97 5.30 1.93
CA GLY A 240 2.86 4.21 2.32
C GLY A 240 3.52 4.67 3.61
N SER A 241 2.77 5.43 4.41
CA SER A 241 3.28 6.00 5.65
C SER A 241 3.98 5.05 6.61
N SER A 242 3.40 3.88 6.87
CA SER A 242 4.01 2.92 7.79
C SER A 242 5.36 2.44 7.28
N SER A 243 5.54 2.44 5.98
CA SER A 243 6.81 1.99 5.40
C SER A 243 7.96 2.99 5.59
N PHE A 244 7.67 4.27 5.37
CA PHE A 244 8.72 5.29 5.45
C PHE A 244 8.77 6.16 6.71
N ILE A 245 7.83 5.95 7.62
CA ILE A 245 7.75 6.77 8.83
C ILE A 245 9.04 6.96 9.64
N ASP A 246 9.82 5.90 9.84
CA ASP A 246 11.04 6.05 10.64
C ASP A 246 12.08 6.94 9.95
N LEU A 247 12.02 7.03 8.63
CA LEU A 247 12.94 7.90 7.92
C LEU A 247 12.37 9.31 7.88
N ALA A 248 11.08 9.41 7.57
CA ALA A 248 10.43 10.72 7.47
C ALA A 248 10.55 11.57 8.74
N VAL A 249 10.56 10.95 9.90
CA VAL A 249 10.66 11.74 11.13
C VAL A 249 11.99 12.51 11.21
N ASP A 250 12.98 12.11 10.40
CA ASP A 250 14.27 12.80 10.40
C ASP A 250 14.20 14.15 9.70
N TYR A 251 13.20 14.33 8.83
CA TYR A 251 13.04 15.59 8.11
C TYR A 251 12.76 16.69 9.12
N ARG A 252 13.13 17.91 8.70
CA ARG A 252 12.87 19.05 9.56
C ARG A 252 11.46 19.61 9.34
N ALA A 253 10.57 18.67 8.96
CA ALA A 253 9.19 19.09 8.77
C ALA A 253 8.52 19.39 10.11
N ASP A 254 7.56 20.30 10.13
CA ASP A 254 6.86 20.67 11.36
C ASP A 254 5.80 19.63 11.64
N ALA A 255 5.28 19.00 10.59
CA ALA A 255 4.31 17.93 10.75
C ALA A 255 4.39 16.97 9.58
N LEU A 256 4.07 15.71 9.86
CA LEU A 256 4.05 14.69 8.83
C LEU A 256 2.58 14.33 8.62
N SER A 257 2.09 14.45 7.39
CA SER A 257 0.70 14.11 7.10
C SER A 257 0.77 12.67 6.64
N VAL A 258 0.14 11.79 7.40
CA VAL A 258 0.21 10.35 7.14
C VAL A 258 -1.13 9.70 6.81
N ASP A 259 -1.06 8.50 6.25
CA ASP A 259 -2.28 7.78 5.89
C ASP A 259 -2.75 6.83 6.97
N TRP A 260 -3.70 5.97 6.64
CA TRP A 260 -4.25 5.03 7.62
C TRP A 260 -3.44 3.77 7.89
N SER A 261 -2.21 3.70 7.38
CA SER A 261 -1.35 2.55 7.60
C SER A 261 -0.64 2.66 8.96
N VAL A 262 -0.76 3.83 9.59
CA VAL A 262 -0.15 4.05 10.89
C VAL A 262 -1.22 4.51 11.87
N ASP A 263 -0.90 4.45 13.16
CA ASP A 263 -1.84 4.89 14.18
C ASP A 263 -1.23 6.14 14.79
N ILE A 264 -1.84 7.29 14.52
CA ILE A 264 -1.31 8.54 15.02
C ILE A 264 -1.17 8.59 16.54
N PRO A 265 -2.18 8.08 17.28
CA PRO A 265 -1.99 8.14 18.74
C PRO A 265 -0.68 7.46 19.14
N GLU A 266 -0.36 6.33 18.51
CA GLU A 266 0.87 5.60 18.83
C GLU A 266 2.11 6.36 18.36
N LEU A 267 2.02 7.00 17.20
CA LEU A 267 3.14 7.77 16.67
C LEU A 267 3.53 8.91 17.62
N PHE A 268 2.55 9.56 18.22
CA PHE A 268 2.81 10.65 19.16
C PHE A 268 3.51 10.14 20.42
N LYS A 269 3.32 8.87 20.73
CA LYS A 269 3.93 8.30 21.92
C LYS A 269 5.37 7.86 21.66
N ILE A 270 5.73 7.69 20.39
CA ILE A 270 7.10 7.29 20.11
C ILE A 270 7.95 8.36 19.42
N TYR A 271 7.33 9.29 18.71
CA TYR A 271 8.06 10.35 17.99
C TYR A 271 7.75 11.76 18.45
N ASP A 272 8.79 12.59 18.53
CA ASP A 272 8.63 13.99 18.91
C ASP A 272 8.44 14.80 17.64
N LYS A 273 7.26 14.67 17.03
CA LYS A 273 6.96 15.37 15.78
C LYS A 273 5.49 15.73 15.74
N GLY A 274 5.14 16.61 14.80
CA GLY A 274 3.74 16.97 14.63
C GLY A 274 3.15 15.99 13.62
N PHE A 275 1.87 15.70 13.74
CA PHE A 275 1.20 14.78 12.79
C PHE A 275 -0.11 15.33 12.29
N GLN A 276 -0.40 15.06 11.02
CA GLN A 276 -1.65 15.48 10.39
C GLN A 276 -2.31 14.22 9.82
N GLY A 277 -3.64 14.13 9.93
CA GLY A 277 -4.34 12.96 9.41
C GLY A 277 -5.22 12.34 10.49
N ASN A 278 -5.67 11.10 10.31
CA ASN A 278 -5.36 10.30 9.13
C ASN A 278 -6.53 9.37 8.83
N LEU A 279 -7.75 9.88 8.97
CA LEU A 279 -8.94 9.09 8.71
C LEU A 279 -8.98 8.52 7.31
N GLU A 280 -9.29 7.25 7.19
CA GLU A 280 -9.37 6.61 5.87
C GLU A 280 -10.55 7.25 5.12
N PRO A 281 -10.30 7.84 3.95
CA PRO A 281 -11.39 8.48 3.20
C PRO A 281 -12.62 7.59 3.00
N ALA A 282 -12.40 6.29 2.80
CA ALA A 282 -13.52 5.37 2.58
C ALA A 282 -14.54 5.33 3.71
N VAL A 283 -14.16 5.78 4.90
CA VAL A 283 -15.09 5.81 6.02
C VAL A 283 -16.29 6.68 5.62
N LEU A 284 -16.07 7.66 4.77
CA LEU A 284 -17.15 8.56 4.35
C LEU A 284 -18.25 7.90 3.50
N TYR A 285 -18.00 6.68 3.02
CA TYR A 285 -19.00 5.97 2.23
C TYR A 285 -19.97 5.27 3.19
N ALA A 286 -19.57 5.17 4.46
CA ALA A 286 -20.39 4.50 5.46
C ALA A 286 -21.45 5.41 6.05
N SER A 287 -22.24 4.84 6.97
CA SER A 287 -23.30 5.58 7.64
C SER A 287 -22.71 6.64 8.57
N GLU A 288 -23.49 7.68 8.86
CA GLU A 288 -22.99 8.70 9.75
C GLU A 288 -22.63 8.08 11.10
N GLU A 289 -23.29 6.99 11.47
CA GLU A 289 -22.98 6.33 12.75
C GLU A 289 -21.54 5.81 12.72
N VAL A 290 -21.17 5.17 11.62
CA VAL A 290 -19.82 4.65 11.45
C VAL A 290 -18.80 5.79 11.42
N ILE A 291 -19.12 6.84 10.67
CA ILE A 291 -18.21 7.97 10.59
C ILE A 291 -17.97 8.55 11.99
N GLU A 292 -19.04 8.65 12.77
CA GLU A 292 -18.94 9.19 14.12
C GLU A 292 -18.04 8.29 14.97
N GLU A 293 -18.32 6.99 14.94
CA GLU A 293 -17.54 6.03 15.72
C GLU A 293 -16.06 6.00 15.31
N LYS A 294 -15.81 6.03 14.00
CA LYS A 294 -14.42 6.00 13.52
C LYS A 294 -13.65 7.28 13.82
N THR A 295 -14.31 8.42 13.71
CA THR A 295 -13.67 9.70 13.94
C THR A 295 -13.44 9.97 15.42
N LEU A 296 -14.49 9.84 16.23
CA LEU A 296 -14.36 10.07 17.66
C LEU A 296 -13.45 9.03 18.28
N GLY A 297 -13.47 7.82 17.72
CA GLY A 297 -12.61 6.76 18.23
C GLY A 297 -11.15 7.16 18.12
N LEU A 298 -10.83 7.88 17.05
CA LEU A 298 -9.47 8.35 16.83
C LEU A 298 -9.15 9.54 17.72
N LEU A 299 -10.02 10.54 17.67
CA LEU A 299 -9.82 11.76 18.45
C LEU A 299 -9.64 11.51 19.95
N ARG A 300 -10.47 10.64 20.51
CA ARG A 300 -10.39 10.32 21.94
C ARG A 300 -9.07 9.67 22.36
N ARG A 301 -8.35 9.09 21.41
CA ARG A 301 -7.08 8.45 21.71
C ARG A 301 -5.85 9.35 21.47
N ILE A 302 -6.04 10.50 20.84
CA ILE A 302 -4.90 11.41 20.60
C ILE A 302 -4.39 11.77 21.99
N PRO A 303 -3.12 11.44 22.29
CA PRO A 303 -2.52 11.71 23.60
C PRO A 303 -1.99 13.10 23.88
N VAL A 304 -1.76 13.90 22.83
CA VAL A 304 -1.24 15.25 22.99
C VAL A 304 -2.35 16.30 22.89
N LYS A 305 -1.98 17.54 23.25
CA LYS A 305 -2.91 18.67 23.22
C LYS A 305 -2.56 19.69 22.14
N THR A 306 -1.51 19.40 21.37
CA THR A 306 -1.06 20.29 20.31
C THR A 306 -0.14 19.53 19.36
N ARG A 307 0.20 20.15 18.24
CA ARG A 307 1.02 19.54 17.19
C ARG A 307 0.23 18.43 16.48
N TYR A 308 -1.09 18.54 16.53
CA TYR A 308 -1.96 17.60 15.85
C TYR A 308 -2.95 18.38 15.00
N VAL A 309 -3.15 17.92 13.78
CA VAL A 309 -4.08 18.54 12.86
C VAL A 309 -4.86 17.40 12.24
N PHE A 310 -6.17 17.42 12.41
CA PHE A 310 -6.97 16.38 11.82
C PHE A 310 -7.10 16.57 10.32
N ASN A 311 -7.03 15.47 9.58
CA ASN A 311 -7.21 15.50 8.13
C ASN A 311 -7.45 14.04 7.74
N LEU A 312 -7.74 13.82 6.47
CA LEU A 312 -7.94 12.47 6.00
C LEU A 312 -6.55 11.89 5.76
N GLY A 313 -6.47 10.62 5.41
CA GLY A 313 -5.18 10.01 5.15
C GLY A 313 -4.80 10.26 3.70
N HIS A 314 -5.75 10.74 2.92
CA HIS A 314 -5.54 11.02 1.51
C HIS A 314 -6.71 11.91 1.07
N GLY A 315 -6.62 12.49 -0.10
CA GLY A 315 -7.69 13.38 -0.54
C GLY A 315 -9.08 12.76 -0.67
N LEU A 316 -10.09 13.60 -0.58
CA LEU A 316 -11.47 13.16 -0.71
C LEU A 316 -11.66 12.65 -2.14
N ALA A 317 -12.54 11.68 -2.31
CA ALA A 317 -12.84 11.16 -3.64
C ALA A 317 -13.94 12.07 -4.18
N PRO A 318 -13.90 12.37 -5.50
CA PRO A 318 -14.90 13.23 -6.12
C PRO A 318 -16.35 12.80 -5.87
N ASP A 319 -16.58 11.51 -5.66
CA ASP A 319 -17.94 11.02 -5.44
C ASP A 319 -18.41 10.96 -3.99
N MET A 320 -17.59 11.43 -3.05
CA MET A 320 -18.03 11.39 -1.66
C MET A 320 -19.05 12.51 -1.44
N GLU A 321 -20.06 12.21 -0.62
CA GLU A 321 -21.16 13.12 -0.33
C GLU A 321 -20.87 14.37 0.50
N LEU A 322 -21.24 15.54 -0.01
CA LEU A 322 -21.03 16.79 0.69
C LEU A 322 -21.61 16.79 2.09
N GLU A 323 -22.81 16.24 2.25
CA GLU A 323 -23.44 16.20 3.57
C GLU A 323 -22.63 15.40 4.60
N LYS A 324 -22.04 14.30 4.16
CA LYS A 324 -21.25 13.47 5.04
C LYS A 324 -19.90 14.12 5.35
N VAL A 325 -19.36 14.84 4.37
CA VAL A 325 -18.09 15.54 4.57
C VAL A 325 -18.34 16.67 5.57
N LYS A 326 -19.45 17.38 5.42
CA LYS A 326 -19.78 18.45 6.38
C LYS A 326 -19.91 17.85 7.78
N TYR A 327 -20.55 16.68 7.86
CA TYR A 327 -20.75 15.99 9.13
C TYR A 327 -19.39 15.73 9.80
N LEU A 328 -18.46 15.14 9.05
CA LEU A 328 -17.12 14.86 9.56
C LEU A 328 -16.43 16.12 10.10
N VAL A 329 -16.45 17.21 9.33
CA VAL A 329 -15.79 18.44 9.76
C VAL A 329 -16.37 18.96 11.06
N ASP A 330 -17.69 18.94 11.17
CA ASP A 330 -18.31 19.44 12.39
C ASP A 330 -18.09 18.54 13.58
N LEU A 331 -17.92 17.25 13.30
CA LEU A 331 -17.66 16.26 14.35
C LEU A 331 -16.33 16.60 15.00
N VAL A 332 -15.35 16.94 14.17
CA VAL A 332 -14.03 17.28 14.70
C VAL A 332 -14.05 18.63 15.40
N LYS A 333 -14.68 19.63 14.80
CA LYS A 333 -14.76 20.96 15.41
C LYS A 333 -15.47 20.99 16.76
N SER A 334 -16.36 20.01 16.99
CA SER A 334 -17.11 19.98 18.23
C SER A 334 -16.46 19.10 19.32
N PHE A 335 -15.34 18.44 18.98
CA PHE A 335 -14.66 17.58 19.95
C PHE A 335 -13.95 18.40 21.03
N PRO A 336 -14.30 18.18 22.30
CA PRO A 336 -13.66 18.93 23.38
C PRO A 336 -12.28 18.39 23.77
N LEU A 337 -11.34 19.30 23.92
CA LEU A 337 -9.98 18.96 24.32
C LEU A 337 -9.95 18.95 25.84
N THR A 338 -9.84 17.77 26.41
CA THR A 338 -9.82 17.61 27.86
C THR A 338 -8.43 17.87 28.44
N PRO B 2 13.22 -35.47 2.84
CA PRO B 2 13.61 -35.18 1.43
C PRO B 2 15.13 -35.01 1.39
N LYS B 3 15.73 -35.28 0.23
CA LYS B 3 17.18 -35.14 0.06
C LYS B 3 17.65 -33.75 0.46
N ASN B 4 16.90 -32.74 0.04
CA ASN B 4 17.19 -31.32 0.32
C ASN B 4 16.23 -30.83 1.41
N ASP B 5 16.75 -30.51 2.59
CA ASP B 5 15.87 -30.02 3.65
C ASP B 5 16.25 -28.64 4.17
N LEU B 6 16.91 -27.86 3.32
CA LEU B 6 17.31 -26.50 3.68
C LEU B 6 16.12 -25.69 4.18
N LEU B 7 14.97 -25.79 3.52
CA LEU B 7 13.80 -25.03 3.94
C LEU B 7 13.41 -25.35 5.38
N LEU B 8 13.35 -26.63 5.70
CA LEU B 8 12.97 -27.06 7.04
C LEU B 8 14.02 -26.67 8.09
N ARG B 9 15.28 -26.93 7.80
CA ARG B 9 16.34 -26.56 8.73
C ARG B 9 16.31 -25.05 9.02
N SER B 10 16.14 -24.25 7.98
CA SER B 10 16.11 -22.80 8.16
C SER B 10 14.94 -22.36 9.03
N LEU B 11 13.75 -22.91 8.77
CA LEU B 11 12.57 -22.56 9.55
C LEU B 11 12.72 -22.98 11.01
N ARG B 12 13.45 -24.07 11.24
CA ARG B 12 13.67 -24.57 12.61
C ARG B 12 14.85 -23.89 13.29
N GLY B 13 15.50 -22.95 12.59
CA GLY B 13 16.64 -22.26 13.18
C GLY B 13 17.92 -23.09 13.28
N GLU B 14 18.01 -24.16 12.48
CA GLU B 14 19.20 -25.02 12.50
C GLU B 14 20.24 -24.57 11.48
N PRO B 15 21.47 -25.10 11.56
CA PRO B 15 22.53 -24.72 10.63
C PRO B 15 22.24 -25.06 9.17
N ILE B 16 22.53 -24.13 8.27
CA ILE B 16 22.33 -24.31 6.84
C ILE B 16 23.49 -23.68 6.07
N GLY B 17 23.86 -24.27 4.94
CA GLY B 17 24.97 -23.77 4.16
C GLY B 17 24.61 -22.76 3.07
N ARG B 18 23.32 -22.58 2.84
CA ARG B 18 22.81 -21.64 1.84
C ARG B 18 21.44 -21.22 2.34
N PHE B 19 20.92 -20.09 1.86
CA PHE B 19 19.58 -19.69 2.24
C PHE B 19 18.66 -20.44 1.29
N PRO B 20 17.55 -21.01 1.80
CA PRO B 20 16.68 -21.72 0.86
C PRO B 20 15.89 -20.69 0.05
N VAL B 21 15.48 -21.09 -1.15
CA VAL B 21 14.69 -20.20 -1.98
C VAL B 21 13.56 -20.93 -2.69
N TRP B 22 12.40 -20.31 -2.70
CA TRP B 22 11.24 -20.81 -3.44
C TRP B 22 10.49 -19.52 -3.76
N LEU B 23 9.68 -19.51 -4.81
CA LEU B 23 8.97 -18.29 -5.18
C LEU B 23 7.47 -18.47 -5.25
N MET B 24 6.70 -17.51 -4.73
CA MET B 24 5.26 -17.61 -4.80
C MET B 24 4.87 -17.60 -6.27
N ARG B 25 3.93 -18.47 -6.62
CA ARG B 25 3.47 -18.63 -8.00
C ARG B 25 4.59 -19.16 -8.93
N GLN B 26 5.54 -19.90 -8.36
CA GLN B 26 6.65 -20.47 -9.15
C GLN B 26 6.12 -21.38 -10.26
N ALA B 27 4.92 -21.91 -10.05
CA ALA B 27 4.28 -22.73 -11.08
C ALA B 27 3.22 -21.78 -11.62
N GLY B 28 3.47 -21.21 -12.79
CA GLY B 28 2.51 -20.28 -13.34
C GLY B 28 2.64 -20.00 -14.83
N ARG B 29 1.73 -19.18 -15.33
CA ARG B 29 1.65 -18.82 -16.75
C ARG B 29 2.91 -18.30 -17.46
N TYR B 30 3.90 -17.83 -16.70
CA TYR B 30 5.13 -17.34 -17.31
C TYR B 30 5.94 -18.54 -17.81
N MET B 31 5.57 -19.71 -17.32
CA MET B 31 6.27 -20.95 -17.65
C MET B 31 5.62 -21.68 -18.83
N PRO B 32 6.37 -21.86 -19.93
CA PRO B 32 5.83 -22.55 -21.11
C PRO B 32 5.25 -23.93 -20.76
N GLU B 33 5.97 -24.69 -19.95
CA GLU B 33 5.54 -26.02 -19.54
C GLU B 33 4.21 -25.99 -18.79
N TYR B 34 3.98 -24.93 -18.02
CA TYR B 34 2.75 -24.79 -17.26
C TYR B 34 1.56 -24.55 -18.20
N ARG B 35 1.74 -23.64 -19.14
CA ARG B 35 0.70 -23.30 -20.11
C ARG B 35 0.25 -24.53 -20.91
N LYS B 36 1.22 -25.38 -21.27
CA LYS B 36 0.90 -26.58 -22.03
C LYS B 36 -0.05 -27.48 -21.25
N ILE B 37 0.21 -27.67 -19.96
CA ILE B 37 -0.66 -28.52 -19.15
C ILE B 37 -1.98 -27.82 -18.89
N ARG B 38 -1.90 -26.53 -18.59
CA ARG B 38 -3.10 -25.74 -18.33
C ARG B 38 -4.07 -25.82 -19.53
N ASN B 39 -3.53 -25.87 -20.74
CA ASN B 39 -4.37 -25.93 -21.93
C ASN B 39 -5.14 -27.23 -22.12
N ARG B 40 -4.77 -28.27 -21.40
CA ARG B 40 -5.45 -29.57 -21.52
C ARG B 40 -6.82 -29.59 -20.83
N VAL B 41 -6.99 -28.73 -19.83
CA VAL B 41 -8.25 -28.66 -19.09
C VAL B 41 -8.78 -27.23 -19.06
N LYS B 42 -9.79 -26.96 -19.88
CA LYS B 42 -10.37 -25.63 -19.98
C LYS B 42 -10.67 -24.94 -18.65
N ASN B 43 -11.49 -25.55 -17.82
CA ASN B 43 -11.87 -24.95 -16.54
C ASN B 43 -10.79 -25.08 -15.47
N PHE B 44 -10.35 -23.93 -14.94
CA PHE B 44 -9.31 -23.92 -13.91
C PHE B 44 -9.69 -24.72 -12.66
N LEU B 45 -10.94 -24.62 -12.20
CA LEU B 45 -11.35 -25.36 -11.01
C LEU B 45 -11.25 -26.84 -11.27
N GLU B 46 -11.58 -27.26 -12.49
CA GLU B 46 -11.50 -28.67 -12.84
C GLU B 46 -10.04 -29.10 -12.79
N LEU B 47 -9.17 -28.20 -13.22
CA LEU B 47 -7.73 -28.48 -13.22
C LEU B 47 -7.24 -28.70 -11.79
N CYS B 48 -7.71 -27.86 -10.88
CA CYS B 48 -7.31 -27.97 -9.48
C CYS B 48 -7.73 -29.30 -8.89
N LYS B 49 -8.80 -29.88 -9.42
CA LYS B 49 -9.32 -31.15 -8.93
C LYS B 49 -8.72 -32.36 -9.64
N ASN B 50 -7.98 -32.12 -10.72
CA ASN B 50 -7.35 -33.21 -11.47
C ASN B 50 -6.06 -33.58 -10.74
N VAL B 51 -6.10 -34.64 -9.94
CA VAL B 51 -4.93 -35.02 -9.17
C VAL B 51 -3.68 -35.26 -10.02
N ASP B 52 -3.82 -35.91 -11.17
CA ASP B 52 -2.65 -36.17 -12.02
C ASP B 52 -1.99 -34.88 -12.52
N LEU B 53 -2.79 -34.00 -13.13
CA LEU B 53 -2.25 -32.75 -13.67
C LEU B 53 -1.76 -31.77 -12.60
N ALA B 54 -2.46 -31.74 -11.47
CA ALA B 54 -2.09 -30.85 -10.38
C ALA B 54 -0.73 -31.32 -9.84
N THR B 55 -0.56 -32.63 -9.74
CA THR B 55 0.71 -33.18 -9.27
C THR B 55 1.79 -32.80 -10.26
N GLU B 56 1.53 -32.98 -11.55
CA GLU B 56 2.51 -32.66 -12.58
C GLU B 56 2.89 -31.18 -12.54
N ILE B 57 1.91 -30.31 -12.32
CA ILE B 57 2.22 -28.88 -12.26
C ILE B 57 3.05 -28.53 -11.05
N SER B 58 2.69 -29.10 -9.90
CA SER B 58 3.41 -28.84 -8.65
C SER B 58 4.89 -29.15 -8.78
N LEU B 59 5.20 -30.18 -9.57
CA LEU B 59 6.60 -30.60 -9.74
C LEU B 59 7.40 -29.76 -10.73
N LEU B 60 6.71 -29.00 -11.59
CA LEU B 60 7.41 -28.21 -12.58
C LEU B 60 8.51 -27.29 -12.05
N PRO B 61 8.23 -26.49 -10.99
CA PRO B 61 9.25 -25.60 -10.45
C PRO B 61 10.54 -26.30 -10.03
N LEU B 62 10.41 -27.50 -9.49
CA LEU B 62 11.55 -28.28 -9.03
C LEU B 62 12.49 -28.61 -10.20
N LYS B 63 11.90 -29.13 -11.26
CA LYS B 63 12.68 -29.52 -12.43
C LYS B 63 13.21 -28.32 -13.22
N ILE B 64 12.36 -27.33 -13.43
CA ILE B 64 12.70 -26.14 -14.21
C ILE B 64 13.54 -25.09 -13.51
N LEU B 65 13.18 -24.76 -12.28
CA LEU B 65 13.89 -23.72 -11.54
C LEU B 65 14.94 -24.21 -10.54
N GLY B 66 14.76 -25.43 -10.03
CA GLY B 66 15.73 -25.93 -9.06
C GLY B 66 15.49 -25.29 -7.71
N VAL B 67 14.26 -24.85 -7.45
CA VAL B 67 13.93 -24.25 -6.16
C VAL B 67 14.02 -25.30 -5.06
N ASP B 68 14.14 -24.83 -3.83
CA ASP B 68 14.29 -25.69 -2.66
C ASP B 68 13.00 -26.23 -2.04
N ALA B 69 11.87 -25.98 -2.69
CA ALA B 69 10.62 -26.47 -2.19
C ALA B 69 9.53 -26.40 -3.25
N ILE B 70 8.55 -27.27 -3.11
CA ILE B 70 7.43 -27.32 -4.02
C ILE B 70 6.20 -26.85 -3.23
N ILE B 71 5.37 -26.00 -3.84
CA ILE B 71 4.13 -25.61 -3.18
C ILE B 71 3.08 -26.29 -4.05
N ILE B 72 2.13 -26.99 -3.44
CA ILE B 72 1.13 -27.69 -4.22
C ILE B 72 0.29 -26.78 -5.08
N PHE B 73 -0.05 -27.26 -6.27
CA PHE B 73 -0.86 -26.49 -7.19
C PHE B 73 -2.33 -26.54 -6.77
N SER B 74 -2.88 -25.38 -6.44
CA SER B 74 -4.28 -25.28 -6.07
C SER B 74 -4.65 -23.79 -6.07
N ASP B 75 -5.75 -23.43 -5.42
CA ASP B 75 -6.18 -22.03 -5.37
C ASP B 75 -6.70 -21.76 -3.96
N ILE B 76 -6.49 -20.55 -3.45
CA ILE B 76 -6.94 -20.23 -2.10
C ILE B 76 -8.47 -20.28 -1.95
N LEU B 77 -9.20 -20.23 -3.07
CA LEU B 77 -10.66 -20.24 -3.00
C LEU B 77 -11.35 -21.61 -2.95
N VAL B 78 -10.60 -22.70 -3.12
CA VAL B 78 -11.26 -24.00 -3.13
C VAL B 78 -12.08 -24.40 -1.89
N PRO B 79 -11.66 -23.98 -0.68
CA PRO B 79 -12.44 -24.35 0.51
C PRO B 79 -13.81 -23.67 0.58
N LEU B 80 -14.03 -22.68 -0.29
CA LEU B 80 -15.31 -21.97 -0.31
C LEU B 80 -16.42 -22.79 -0.96
N GLU B 81 -16.07 -23.63 -1.94
CA GLU B 81 -17.09 -24.42 -2.63
C GLU B 81 -17.88 -25.32 -1.69
N PRO B 82 -17.21 -26.02 -0.76
CA PRO B 82 -17.95 -26.89 0.17
C PRO B 82 -18.91 -26.11 1.06
N LEU B 83 -18.69 -24.80 1.17
CA LEU B 83 -19.56 -23.97 1.98
C LEU B 83 -20.87 -23.70 1.26
N GLY B 84 -20.90 -23.99 -0.04
CA GLY B 84 -22.10 -23.76 -0.81
C GLY B 84 -21.92 -22.60 -1.75
N VAL B 85 -20.69 -22.13 -1.87
CA VAL B 85 -20.36 -21.01 -2.74
C VAL B 85 -19.96 -21.53 -4.13
N LYS B 86 -20.51 -20.92 -5.18
CA LYS B 86 -20.14 -21.33 -6.52
C LYS B 86 -18.83 -20.62 -6.86
N VAL B 87 -17.82 -21.41 -7.20
CA VAL B 87 -16.50 -20.90 -7.51
C VAL B 87 -16.17 -21.12 -8.99
N GLU B 88 -15.91 -20.04 -9.70
CA GLU B 88 -15.56 -20.14 -11.10
C GLU B 88 -14.45 -19.17 -11.44
N PHE B 89 -13.66 -19.50 -12.46
CA PHE B 89 -12.57 -18.63 -12.86
C PHE B 89 -12.83 -18.26 -14.31
N VAL B 90 -12.90 -16.96 -14.58
CA VAL B 90 -13.15 -16.48 -15.94
C VAL B 90 -11.82 -16.13 -16.59
N GLU B 91 -11.46 -16.87 -17.63
CA GLU B 91 -10.20 -16.63 -18.34
C GLU B 91 -9.95 -15.13 -18.56
N GLY B 92 -8.77 -14.68 -18.14
CA GLY B 92 -8.41 -13.28 -18.29
C GLY B 92 -9.32 -12.33 -17.54
N GLU B 93 -10.20 -12.86 -16.71
CA GLU B 93 -11.15 -12.05 -15.95
C GLU B 93 -11.03 -12.24 -14.44
N GLY B 94 -10.45 -13.35 -14.00
CA GLY B 94 -10.31 -13.58 -12.58
C GLY B 94 -11.44 -14.40 -11.98
N PRO B 95 -11.37 -14.71 -10.68
CA PRO B 95 -12.42 -15.51 -10.04
C PRO B 95 -13.77 -14.84 -9.86
N LYS B 96 -14.83 -15.64 -9.92
CA LYS B 96 -16.19 -15.17 -9.73
C LYS B 96 -16.83 -16.08 -8.69
N LEU B 97 -17.25 -15.50 -7.58
CA LEU B 97 -17.85 -16.27 -6.50
C LEU B 97 -19.31 -15.88 -6.35
N SER B 98 -20.20 -16.87 -6.40
CA SER B 98 -21.62 -16.61 -6.31
C SER B 98 -22.28 -17.28 -5.10
N TRP B 99 -23.07 -16.50 -4.37
CA TRP B 99 -23.80 -17.00 -3.21
C TRP B 99 -24.85 -15.97 -2.82
N SER B 100 -25.81 -16.38 -2.00
CA SER B 100 -26.91 -15.50 -1.58
C SER B 100 -26.48 -14.26 -0.83
N GLY B 101 -25.29 -14.28 -0.26
CA GLY B 101 -24.81 -13.15 0.50
C GLY B 101 -25.30 -13.22 1.94
N LYS B 102 -25.97 -14.31 2.28
CA LYS B 102 -26.50 -14.52 3.63
C LYS B 102 -25.65 -15.58 4.34
N VAL B 103 -24.87 -15.16 5.33
CA VAL B 103 -23.99 -16.07 6.05
C VAL B 103 -24.64 -17.36 6.54
N SER B 104 -25.89 -17.26 7.04
CA SER B 104 -26.59 -18.44 7.52
C SER B 104 -26.87 -19.49 6.43
N ASP B 105 -26.86 -19.08 5.17
CA ASP B 105 -27.11 -20.04 4.08
C ASP B 105 -25.90 -20.93 3.84
N LEU B 106 -24.74 -20.53 4.37
CA LEU B 106 -23.53 -21.33 4.20
C LEU B 106 -23.67 -22.68 4.92
N LYS B 107 -23.15 -23.73 4.31
CA LYS B 107 -23.21 -25.07 4.88
C LYS B 107 -22.01 -25.35 5.77
N LYS B 108 -22.22 -26.09 6.85
CA LYS B 108 -21.11 -26.41 7.75
C LYS B 108 -19.98 -27.06 6.95
N TYR B 109 -18.76 -26.58 7.13
CA TYR B 109 -17.62 -27.13 6.40
C TYR B 109 -17.28 -28.60 6.66
N ASP B 110 -17.18 -29.36 5.58
CA ASP B 110 -16.81 -30.78 5.65
C ASP B 110 -15.46 -30.88 4.91
N PRO B 111 -14.36 -30.98 5.65
CA PRO B 111 -13.01 -31.06 5.09
C PRO B 111 -12.84 -32.11 3.99
N SER B 112 -13.57 -33.20 4.09
CA SER B 112 -13.47 -34.26 3.09
C SER B 112 -13.92 -33.82 1.71
N GLN B 113 -14.61 -32.68 1.62
CA GLN B 113 -15.07 -32.19 0.32
C GLN B 113 -13.94 -31.57 -0.49
N ASN B 114 -12.80 -31.34 0.15
CA ASN B 114 -11.62 -30.81 -0.55
C ASN B 114 -10.55 -31.91 -0.60
N ALA B 115 -11.01 -33.16 -0.54
CA ALA B 115 -10.12 -34.31 -0.56
C ALA B 115 -9.06 -34.29 -1.66
N TYR B 116 -9.43 -33.77 -2.84
CA TYR B 116 -8.49 -33.72 -3.96
C TYR B 116 -7.23 -32.96 -3.60
N VAL B 117 -7.34 -31.97 -2.73
CA VAL B 117 -6.16 -31.21 -2.31
C VAL B 117 -5.22 -32.11 -1.50
N TYR B 118 -5.79 -32.92 -0.61
CA TYR B 118 -4.97 -33.81 0.22
C TYR B 118 -4.37 -34.93 -0.64
N GLU B 119 -5.11 -35.32 -1.67
CA GLU B 119 -4.66 -36.37 -2.58
C GLU B 119 -3.46 -35.89 -3.37
N ILE B 120 -3.47 -34.62 -3.76
CA ILE B 120 -2.36 -34.05 -4.49
C ILE B 120 -1.12 -34.00 -3.58
N ILE B 121 -1.28 -33.54 -2.34
CA ILE B 121 -0.15 -33.48 -1.42
C ILE B 121 0.51 -34.86 -1.32
N LYS B 122 -0.30 -35.89 -1.06
CA LYS B 122 0.24 -37.25 -0.94
C LYS B 122 0.93 -37.69 -2.23
N ARG B 123 0.27 -37.46 -3.37
CA ARG B 123 0.85 -37.84 -4.66
C ARG B 123 2.18 -37.13 -4.91
N VAL B 124 2.26 -35.84 -4.58
CA VAL B 124 3.49 -35.08 -4.78
C VAL B 124 4.60 -35.62 -3.87
N LYS B 125 4.26 -36.00 -2.64
CA LYS B 125 5.24 -36.56 -1.72
C LYS B 125 5.81 -37.88 -2.24
N GLU B 126 4.99 -38.65 -2.95
CA GLU B 126 5.42 -39.93 -3.47
C GLU B 126 6.09 -39.83 -4.85
N ALA B 127 5.82 -38.73 -5.55
CA ALA B 127 6.37 -38.51 -6.89
C ALA B 127 7.83 -38.08 -6.85
N GLN B 128 8.23 -37.45 -5.76
CA GLN B 128 9.61 -36.99 -5.62
C GLN B 128 10.00 -36.90 -4.16
N ASP B 129 11.30 -37.02 -3.91
CA ASP B 129 11.80 -36.93 -2.55
C ASP B 129 12.99 -35.97 -2.49
N GLU B 130 13.03 -35.04 -3.44
CA GLU B 130 14.11 -34.06 -3.51
C GLU B 130 13.93 -32.90 -2.52
N VAL B 131 12.72 -32.37 -2.45
CA VAL B 131 12.44 -31.21 -1.58
C VAL B 131 11.15 -31.31 -0.76
N PRO B 132 11.00 -30.42 0.24
CA PRO B 132 9.81 -30.41 1.09
C PRO B 132 8.62 -29.97 0.25
N VAL B 133 7.42 -30.26 0.75
CA VAL B 133 6.17 -29.89 0.08
C VAL B 133 5.41 -28.90 0.96
N ILE B 134 5.05 -27.76 0.40
CA ILE B 134 4.31 -26.72 1.13
C ILE B 134 2.82 -26.79 0.84
N GLY B 135 2.01 -26.84 1.90
CA GLY B 135 0.57 -26.84 1.74
C GLY B 135 0.15 -25.39 2.01
N PHE B 136 -1.07 -25.01 1.63
CA PHE B 136 -1.49 -23.64 1.88
C PHE B 136 -3.00 -23.42 1.88
N ALA B 137 -3.39 -22.26 2.41
CA ALA B 137 -4.79 -21.85 2.44
C ALA B 137 -4.81 -20.33 2.50
N GLY B 138 -5.91 -19.73 2.07
CA GLY B 138 -6.00 -18.29 2.15
C GLY B 138 -6.38 -17.98 3.59
N ALA B 139 -5.97 -16.82 4.10
CA ALA B 139 -6.31 -16.41 5.46
C ALA B 139 -7.79 -16.02 5.50
N PRO B 140 -8.42 -16.09 6.69
CA PRO B 140 -9.84 -15.76 6.85
C PRO B 140 -10.29 -14.41 6.28
N PHE B 141 -9.57 -13.33 6.58
CA PHE B 141 -10.00 -12.03 6.07
C PHE B 141 -10.00 -11.97 4.55
N THR B 142 -8.93 -12.46 3.94
CA THR B 142 -8.83 -12.42 2.48
C THR B 142 -9.96 -13.22 1.83
N LEU B 143 -10.29 -14.39 2.39
CA LEU B 143 -11.39 -15.20 1.84
C LEU B 143 -12.72 -14.48 2.08
N LEU B 144 -12.88 -13.86 3.25
CA LEU B 144 -14.10 -13.11 3.53
C LEU B 144 -14.29 -11.99 2.51
N SER B 145 -13.22 -11.25 2.23
CA SER B 145 -13.30 -10.14 1.30
C SER B 145 -13.59 -10.66 -0.12
N TYR B 146 -12.94 -11.76 -0.49
CA TYR B 146 -13.18 -12.35 -1.81
C TYR B 146 -14.66 -12.68 -1.95
N LEU B 147 -15.24 -13.25 -0.90
CA LEU B 147 -16.64 -13.61 -0.91
C LEU B 147 -17.58 -12.39 -0.96
N ILE B 148 -17.30 -11.39 -0.13
CA ILE B 148 -18.13 -10.20 -0.11
C ILE B 148 -18.05 -9.45 -1.43
N GLU B 149 -16.86 -9.41 -2.04
CA GLU B 149 -16.69 -8.72 -3.31
C GLU B 149 -17.12 -9.57 -4.50
N GLY B 150 -17.50 -10.81 -4.25
CA GLY B 150 -17.90 -11.68 -5.35
C GLY B 150 -16.72 -12.12 -6.22
N GLY B 151 -15.52 -12.03 -5.67
CA GLY B 151 -14.35 -12.45 -6.42
C GLY B 151 -13.29 -11.41 -6.77
N ALA B 152 -13.71 -10.16 -6.95
CA ALA B 152 -12.78 -9.11 -7.31
C ALA B 152 -13.27 -7.71 -6.94
N SER B 153 -12.33 -6.78 -6.79
CA SER B 153 -12.68 -5.40 -6.47
C SER B 153 -11.48 -4.48 -6.58
N LYS B 154 -11.74 -3.21 -6.85
CA LYS B 154 -10.70 -2.22 -6.98
C LYS B 154 -10.77 -1.23 -5.82
N ASP B 155 -11.89 -1.24 -5.09
CA ASP B 155 -12.07 -0.33 -3.97
C ASP B 155 -12.33 -0.99 -2.61
N PHE B 156 -12.85 -2.22 -2.64
CA PHE B 156 -13.15 -2.97 -1.44
C PHE B 156 -14.15 -2.27 -0.52
N LYS B 157 -15.01 -1.47 -1.12
CA LYS B 157 -16.04 -0.76 -0.37
C LYS B 157 -17.00 -1.71 0.34
N SER B 158 -17.49 -2.70 -0.40
CA SER B 158 -18.43 -3.68 0.15
C SER B 158 -17.85 -4.37 1.37
N THR B 159 -16.60 -4.79 1.28
CA THR B 159 -15.92 -5.45 2.39
C THR B 159 -15.90 -4.53 3.62
N LYS B 160 -15.47 -3.30 3.40
CA LYS B 160 -15.37 -2.31 4.48
C LYS B 160 -16.72 -1.97 5.09
N LEU B 161 -17.72 -1.73 4.24
CA LEU B 161 -19.06 -1.42 4.76
C LEU B 161 -19.61 -2.61 5.53
N PHE B 162 -19.35 -3.81 5.04
CA PHE B 162 -19.83 -5.03 5.72
C PHE B 162 -19.17 -5.10 7.09
N MET B 163 -17.85 -4.94 7.12
CA MET B 163 -17.10 -5.01 8.36
C MET B 163 -17.53 -3.92 9.36
N TRP B 164 -17.63 -2.68 8.90
CA TRP B 164 -17.99 -1.56 9.77
C TRP B 164 -19.45 -1.51 10.20
N GLU B 165 -20.36 -1.74 9.25
CA GLU B 165 -21.79 -1.64 9.55
C GLU B 165 -22.50 -2.92 9.97
N ASN B 166 -21.89 -4.07 9.72
CA ASN B 166 -22.50 -5.34 10.12
C ASN B 166 -21.50 -6.21 10.88
N PRO B 167 -21.00 -5.70 12.03
CA PRO B 167 -20.03 -6.48 12.81
C PRO B 167 -20.54 -7.85 13.26
N LYS B 168 -21.85 -8.01 13.46
CA LYS B 168 -22.36 -9.31 13.88
C LYS B 168 -22.18 -10.36 12.79
N GLU B 169 -22.58 -10.03 11.57
CA GLU B 169 -22.42 -10.97 10.47
C GLU B 169 -20.93 -11.13 10.09
N TYR B 170 -20.16 -10.06 10.26
CA TYR B 170 -18.73 -10.11 9.94
C TYR B 170 -18.06 -11.13 10.86
N LYS B 171 -18.40 -11.08 12.15
CA LYS B 171 -17.82 -12.01 13.11
C LYS B 171 -18.29 -13.42 12.78
N ARG B 172 -19.58 -13.54 12.49
CA ARG B 172 -20.16 -14.84 12.16
C ARG B 172 -19.41 -15.48 10.98
N LEU B 173 -19.14 -14.68 9.95
CA LEU B 173 -18.44 -15.18 8.77
C LEU B 173 -16.96 -15.45 9.06
N MET B 174 -16.31 -14.56 9.80
CA MET B 174 -14.90 -14.78 10.14
C MET B 174 -14.73 -16.04 11.00
N ASP B 175 -15.70 -16.33 11.86
CA ASP B 175 -15.61 -17.53 12.69
C ASP B 175 -15.70 -18.77 11.81
N ILE B 176 -16.62 -18.73 10.84
CA ILE B 176 -16.77 -19.85 9.91
C ILE B 176 -15.51 -20.08 9.07
N LEU B 177 -14.96 -19.00 8.51
CA LEU B 177 -13.78 -19.11 7.67
C LEU B 177 -12.53 -19.48 8.45
N THR B 178 -12.43 -18.99 9.68
CA THR B 178 -11.27 -19.31 10.50
C THR B 178 -11.28 -20.81 10.82
N GLU B 179 -12.43 -21.34 11.22
CA GLU B 179 -12.52 -22.76 11.53
C GLU B 179 -12.38 -23.60 10.26
N THR B 180 -12.92 -23.09 9.14
CA THR B 180 -12.79 -23.82 7.88
C THR B 180 -11.30 -23.93 7.50
N VAL B 181 -10.60 -22.81 7.48
CA VAL B 181 -9.17 -22.83 7.12
C VAL B 181 -8.38 -23.70 8.09
N LEU B 182 -8.76 -23.69 9.36
CA LEU B 182 -8.05 -24.51 10.35
C LEU B 182 -8.19 -26.00 10.03
N ALA B 183 -9.44 -26.43 9.83
CA ALA B 183 -9.74 -27.84 9.53
C ALA B 183 -9.11 -28.30 8.22
N TYR B 184 -9.16 -27.41 7.23
CA TYR B 184 -8.61 -27.63 5.90
C TYR B 184 -7.09 -27.80 5.99
N LEU B 185 -6.44 -26.89 6.72
CA LEU B 185 -4.99 -26.99 6.87
C LEU B 185 -4.60 -28.23 7.67
N LYS B 186 -5.37 -28.58 8.69
CA LYS B 186 -5.05 -29.77 9.49
C LYS B 186 -5.02 -31.02 8.60
N GLU B 187 -5.93 -31.08 7.64
CA GLU B 187 -5.98 -32.22 6.73
C GLU B 187 -4.78 -32.24 5.79
N GLN B 188 -4.30 -31.06 5.41
CA GLN B 188 -3.15 -30.99 4.53
C GLN B 188 -1.91 -31.49 5.27
N ILE B 189 -1.80 -31.15 6.55
CA ILE B 189 -0.68 -31.59 7.35
C ILE B 189 -0.80 -33.11 7.52
N LYS B 190 -2.02 -33.59 7.77
CA LYS B 190 -2.23 -35.03 7.92
C LYS B 190 -1.84 -35.78 6.65
N ALA B 191 -2.03 -35.12 5.51
CA ALA B 191 -1.71 -35.71 4.22
C ALA B 191 -0.22 -35.75 3.93
N GLY B 192 0.57 -35.04 4.71
CA GLY B 192 2.01 -35.03 4.50
C GLY B 192 2.68 -33.70 4.19
N ALA B 193 1.94 -32.59 4.26
CA ALA B 193 2.55 -31.28 4.00
C ALA B 193 3.66 -31.07 5.02
N ASP B 194 4.84 -30.66 4.54
CA ASP B 194 6.00 -30.44 5.42
C ASP B 194 5.96 -29.06 6.06
N VAL B 195 5.23 -28.15 5.41
CA VAL B 195 5.11 -26.76 5.83
C VAL B 195 3.75 -26.26 5.35
N VAL B 196 3.16 -25.31 6.06
CA VAL B 196 1.90 -24.74 5.57
C VAL B 196 2.02 -23.24 5.60
N GLN B 197 1.52 -22.62 4.54
CA GLN B 197 1.56 -21.17 4.43
C GLN B 197 0.15 -20.60 4.32
N ILE B 198 -0.10 -19.58 5.12
CA ILE B 198 -1.38 -18.88 5.16
C ILE B 198 -1.25 -17.61 4.35
N PHE B 199 -2.08 -17.46 3.31
CA PHE B 199 -2.02 -16.27 2.46
C PHE B 199 -3.05 -15.19 2.80
N ASP B 200 -2.58 -14.06 3.33
CA ASP B 200 -3.47 -12.93 3.65
C ASP B 200 -3.10 -11.79 2.70
N SER B 201 -3.24 -12.05 1.41
CA SER B 201 -2.89 -11.11 0.36
C SER B 201 -3.67 -9.79 0.30
N TRP B 202 -4.92 -9.78 0.74
CA TRP B 202 -5.73 -8.57 0.68
C TRP B 202 -5.77 -7.69 1.94
N VAL B 203 -5.03 -8.00 3.00
CA VAL B 203 -5.09 -7.14 4.19
C VAL B 203 -4.50 -5.75 4.03
N ASN B 204 -3.68 -5.54 3.00
CA ASN B 204 -3.10 -4.23 2.77
C ASN B 204 -4.17 -3.19 2.48
N ASN B 205 -5.39 -3.65 2.21
CA ASN B 205 -6.49 -2.73 1.93
C ASN B 205 -7.07 -2.15 3.22
N LEU B 206 -6.67 -2.72 4.36
CA LEU B 206 -7.16 -2.28 5.67
C LEU B 206 -6.24 -1.31 6.39
N SER B 207 -6.84 -0.48 7.23
CA SER B 207 -6.10 0.47 8.05
C SER B 207 -5.49 -0.38 9.17
N LEU B 208 -4.46 0.12 9.82
CA LEU B 208 -3.84 -0.60 10.91
C LEU B 208 -4.87 -0.88 12.01
N GLU B 209 -5.67 0.16 12.27
CA GLU B 209 -6.72 0.09 13.26
C GLU B 209 -7.70 -1.05 12.98
N ASP B 210 -8.13 -1.18 11.73
CA ASP B 210 -9.05 -2.27 11.40
C ASP B 210 -8.39 -3.65 11.42
N TYR B 211 -7.12 -3.74 11.01
CA TYR B 211 -6.44 -5.02 11.04
C TYR B 211 -6.38 -5.51 12.49
N GLY B 212 -5.99 -4.61 13.39
CA GLY B 212 -5.90 -4.98 14.80
C GLY B 212 -7.20 -5.41 15.45
N GLU B 213 -8.30 -4.77 15.07
CA GLU B 213 -9.59 -5.08 15.67
C GLU B 213 -10.35 -6.21 15.01
N TYR B 214 -10.32 -6.26 13.68
CA TYR B 214 -11.07 -7.25 12.94
C TYR B 214 -10.37 -8.46 12.32
N VAL B 215 -9.04 -8.46 12.32
CA VAL B 215 -8.31 -9.57 11.70
C VAL B 215 -7.38 -10.29 12.68
N TYR B 216 -6.55 -9.50 13.36
CA TYR B 216 -5.59 -10.02 14.33
C TYR B 216 -6.11 -11.14 15.25
N PRO B 217 -7.27 -10.94 15.90
CA PRO B 217 -7.82 -11.96 16.80
C PRO B 217 -7.99 -13.32 16.14
N TYR B 218 -8.50 -13.31 14.91
CA TYR B 218 -8.72 -14.54 14.17
C TYR B 218 -7.43 -15.21 13.72
N VAL B 219 -6.51 -14.43 13.17
CA VAL B 219 -5.24 -14.98 12.71
C VAL B 219 -4.44 -15.54 13.90
N ASN B 220 -4.41 -14.82 15.01
CA ASN B 220 -3.69 -15.29 16.18
C ASN B 220 -4.24 -16.65 16.61
N TYR B 221 -5.56 -16.76 16.64
CA TYR B 221 -6.22 -18.01 17.02
C TYR B 221 -5.85 -19.13 16.03
N LEU B 222 -6.04 -18.85 14.74
CA LEU B 222 -5.74 -19.83 13.70
C LEU B 222 -4.32 -20.39 13.79
N ILE B 223 -3.34 -19.51 13.90
CA ILE B 223 -1.96 -19.95 13.97
C ILE B 223 -1.64 -20.69 15.28
N SER B 224 -2.18 -20.22 16.40
CA SER B 224 -1.93 -20.92 17.67
C SER B 224 -2.49 -22.33 17.61
N GLU B 225 -3.71 -22.46 17.10
CA GLU B 225 -4.36 -23.77 16.98
C GLU B 225 -3.54 -24.70 16.10
N LEU B 226 -2.95 -24.16 15.03
CA LEU B 226 -2.13 -24.98 14.15
C LEU B 226 -0.89 -25.48 14.88
N LYS B 227 -0.23 -24.59 15.62
CA LYS B 227 0.97 -24.96 16.35
C LYS B 227 0.68 -25.97 17.47
N ASP B 228 -0.54 -25.93 18.00
CA ASP B 228 -0.92 -26.88 19.05
C ASP B 228 -1.12 -28.24 18.39
N PHE B 229 -1.71 -28.21 17.19
CA PHE B 229 -1.98 -29.43 16.44
C PHE B 229 -0.71 -30.14 15.97
N SER B 230 0.29 -29.36 15.54
CA SER B 230 1.50 -29.97 14.99
C SER B 230 2.71 -29.05 15.00
N ASP B 231 3.90 -29.65 14.92
CA ASP B 231 5.13 -28.85 14.88
C ASP B 231 5.43 -28.43 13.45
N THR B 232 4.55 -28.79 12.52
CA THR B 232 4.73 -28.41 11.11
C THR B 232 4.95 -26.91 11.08
N PRO B 233 6.02 -26.44 10.43
CA PRO B 233 6.26 -24.98 10.39
C PRO B 233 5.08 -24.25 9.76
N VAL B 234 4.74 -23.08 10.30
CA VAL B 234 3.64 -22.28 9.78
C VAL B 234 4.19 -20.94 9.32
N ILE B 235 3.86 -20.55 8.10
CA ILE B 235 4.30 -19.28 7.56
C ILE B 235 3.06 -18.41 7.31
N TYR B 236 3.11 -17.15 7.73
CA TYR B 236 1.99 -16.24 7.52
C TYR B 236 2.46 -15.14 6.57
N PHE B 237 1.82 -15.07 5.41
CA PHE B 237 2.15 -14.07 4.40
C PHE B 237 1.12 -12.95 4.43
N PHE B 238 1.58 -11.71 4.42
CA PHE B 238 0.66 -10.58 4.44
C PHE B 238 1.23 -9.37 3.73
N ARG B 239 0.39 -8.73 2.91
CA ARG B 239 0.77 -7.51 2.18
C ARG B 239 0.63 -6.34 3.15
N GLY B 240 1.13 -5.17 2.75
CA GLY B 240 1.08 -4.02 3.63
C GLY B 240 1.84 -4.36 4.89
N SER B 241 2.88 -5.16 4.72
CA SER B 241 3.67 -5.65 5.84
C SER B 241 4.16 -4.61 6.85
N SER B 242 4.65 -3.48 6.37
CA SER B 242 5.16 -2.43 7.27
C SER B 242 4.06 -1.93 8.20
N SER B 243 2.81 -2.04 7.77
CA SER B 243 1.73 -1.57 8.60
C SER B 243 1.40 -2.51 9.73
N PHE B 244 1.36 -3.80 9.44
CA PHE B 244 0.97 -4.80 10.42
C PHE B 244 2.07 -5.58 11.12
N ILE B 245 3.32 -5.36 10.73
CA ILE B 245 4.43 -6.12 11.29
C ILE B 245 4.53 -6.16 12.81
N ASP B 246 4.33 -5.04 13.48
CA ASP B 246 4.45 -5.07 14.94
C ASP B 246 3.39 -5.95 15.59
N LEU B 247 2.26 -6.17 14.92
CA LEU B 247 1.21 -7.04 15.47
C LEU B 247 1.49 -8.49 15.08
N ALA B 248 1.85 -8.70 13.81
CA ALA B 248 2.11 -10.03 13.29
C ALA B 248 3.20 -10.79 14.03
N VAL B 249 4.20 -10.09 14.56
CA VAL B 249 5.26 -10.77 15.28
C VAL B 249 4.71 -11.50 16.51
N ASP B 250 3.52 -11.10 16.96
CA ASP B 250 2.90 -11.75 18.13
C ASP B 250 2.41 -13.16 17.80
N TYR B 251 2.17 -13.45 16.52
CA TYR B 251 1.69 -14.79 16.15
C TYR B 251 2.76 -15.86 16.39
N ARG B 252 2.30 -17.09 16.60
CA ARG B 252 3.21 -18.20 16.82
C ARG B 252 3.68 -18.78 15.50
N ALA B 253 3.74 -17.93 14.49
CA ALA B 253 4.20 -18.32 13.16
C ALA B 253 5.69 -18.58 13.22
N ASP B 254 6.15 -19.59 12.50
CA ASP B 254 7.57 -19.90 12.46
C ASP B 254 8.26 -18.89 11.56
N ALA B 255 7.51 -18.32 10.61
CA ALA B 255 8.09 -17.31 9.74
C ALA B 255 7.00 -16.39 9.21
N LEU B 256 7.35 -15.12 9.04
CA LEU B 256 6.44 -14.12 8.50
C LEU B 256 6.94 -13.81 7.09
N SER B 257 6.09 -14.00 6.09
CA SER B 257 6.49 -13.71 4.71
C SER B 257 6.01 -12.29 4.44
N VAL B 258 6.94 -11.40 4.15
CA VAL B 258 6.62 -9.99 3.98
C VAL B 258 6.95 -9.39 2.63
N ASP B 259 6.36 -8.24 2.33
CA ASP B 259 6.61 -7.57 1.05
C ASP B 259 7.74 -6.56 1.17
N TRP B 260 7.95 -5.79 0.09
CA TRP B 260 9.02 -4.82 0.02
C TRP B 260 8.85 -3.53 0.80
N SER B 261 7.75 -3.41 1.55
CA SER B 261 7.54 -2.19 2.35
C SER B 261 8.40 -2.24 3.62
N VAL B 262 8.98 -3.40 3.91
CA VAL B 262 9.87 -3.54 5.08
C VAL B 262 11.27 -3.94 4.63
N ASP B 263 12.23 -3.80 5.53
CA ASP B 263 13.61 -4.16 5.26
C ASP B 263 13.93 -5.37 6.13
N ILE B 264 13.94 -6.55 5.52
CA ILE B 264 14.18 -7.77 6.30
C ILE B 264 15.46 -7.72 7.13
N PRO B 265 16.56 -7.19 6.58
CA PRO B 265 17.77 -7.15 7.40
C PRO B 265 17.55 -6.43 8.73
N GLU B 266 16.74 -5.36 8.70
CA GLU B 266 16.44 -4.61 9.91
C GLU B 266 15.47 -5.38 10.82
N LEU B 267 14.48 -6.04 10.23
CA LEU B 267 13.53 -6.80 11.03
C LEU B 267 14.25 -7.86 11.88
N PHE B 268 15.28 -8.48 11.31
CA PHE B 268 16.06 -9.50 12.02
C PHE B 268 16.83 -8.92 13.21
N LYS B 269 17.00 -7.61 13.22
CA LYS B 269 17.73 -6.94 14.30
C LYS B 269 16.78 -6.49 15.40
N ILE B 270 15.51 -6.39 15.05
CA ILE B 270 14.48 -5.94 15.96
C ILE B 270 13.62 -7.06 16.54
N TYR B 271 13.34 -8.07 15.74
CA TYR B 271 12.46 -9.16 16.19
C TYR B 271 13.11 -10.54 16.20
N ASP B 272 12.77 -11.33 17.22
CA ASP B 272 13.28 -12.69 17.32
C ASP B 272 12.24 -13.55 16.59
N LYS B 273 12.33 -13.55 15.26
CA LYS B 273 11.35 -14.29 14.46
C LYS B 273 11.94 -14.68 13.10
N GLY B 274 11.30 -15.66 12.46
CA GLY B 274 11.75 -16.09 11.14
C GLY B 274 11.10 -15.20 10.09
N PHE B 275 11.81 -14.95 8.99
CA PHE B 275 11.27 -14.11 7.91
C PHE B 275 11.50 -14.72 6.55
N GLN B 276 10.53 -14.49 5.65
CA GLN B 276 10.59 -14.99 4.28
C GLN B 276 10.31 -13.79 3.37
N GLY B 277 10.99 -13.72 2.23
CA GLY B 277 10.81 -12.60 1.32
C GLY B 277 12.17 -11.99 0.99
N ASN B 278 12.20 -10.80 0.42
CA ASN B 278 10.99 -10.03 0.10
C ASN B 278 11.23 -9.15 -1.14
N LEU B 279 11.95 -9.68 -2.11
CA LEU B 279 12.26 -8.94 -3.34
C LEU B 279 11.00 -8.48 -4.07
N GLU B 280 10.99 -7.21 -4.47
CA GLU B 280 9.86 -6.66 -5.20
C GLU B 280 9.83 -7.43 -6.54
N PRO B 281 8.70 -8.07 -6.87
CA PRO B 281 8.61 -8.84 -8.12
C PRO B 281 8.98 -8.03 -9.36
N ALA B 282 8.59 -6.76 -9.36
CA ALA B 282 8.87 -5.88 -10.48
C ALA B 282 10.37 -5.80 -10.83
N VAL B 283 11.23 -6.11 -9.87
CA VAL B 283 12.66 -6.08 -10.14
C VAL B 283 12.99 -7.06 -11.28
N LEU B 284 12.16 -8.09 -11.44
CA LEU B 284 12.40 -9.08 -12.49
C LEU B 284 12.18 -8.53 -13.90
N TYR B 285 11.59 -7.34 -14.01
CA TYR B 285 11.40 -6.74 -15.33
C TYR B 285 12.67 -6.02 -15.76
N ALA B 286 13.55 -5.76 -14.81
CA ALA B 286 14.79 -5.04 -15.11
C ALA B 286 15.85 -5.97 -15.67
N SER B 287 17.00 -5.40 -16.03
CA SER B 287 18.09 -6.17 -16.58
C SER B 287 18.67 -7.09 -15.51
N GLU B 288 19.36 -8.14 -15.93
CA GLU B 288 19.95 -9.04 -14.96
C GLU B 288 20.95 -8.30 -14.08
N GLU B 289 21.56 -7.25 -14.61
CA GLU B 289 22.52 -6.46 -13.83
C GLU B 289 21.81 -5.86 -12.61
N VAL B 290 20.62 -5.34 -12.82
CA VAL B 290 19.84 -4.74 -11.74
C VAL B 290 19.34 -5.85 -10.82
N ILE B 291 18.91 -6.96 -11.41
CA ILE B 291 18.42 -8.05 -10.59
C ILE B 291 19.55 -8.52 -9.68
N GLU B 292 20.76 -8.59 -10.23
CA GLU B 292 21.90 -9.06 -9.45
C GLU B 292 22.26 -8.13 -8.27
N GLU B 293 22.34 -6.83 -8.55
CA GLU B 293 22.67 -5.87 -7.51
C GLU B 293 21.59 -5.80 -6.42
N LYS B 294 20.32 -5.80 -6.82
CA LYS B 294 19.23 -5.74 -5.84
C LYS B 294 19.14 -7.02 -5.03
N THR B 295 19.36 -8.16 -5.67
CA THR B 295 19.29 -9.44 -4.97
C THR B 295 20.49 -9.69 -4.06
N LEU B 296 21.69 -9.54 -4.60
CA LEU B 296 22.89 -9.77 -3.79
C LEU B 296 22.99 -8.68 -2.74
N GLY B 297 22.49 -7.49 -3.06
CA GLY B 297 22.52 -6.40 -2.11
C GLY B 297 21.73 -6.76 -0.87
N LEU B 298 20.63 -7.51 -1.07
CA LEU B 298 19.80 -7.92 0.05
C LEU B 298 20.41 -9.11 0.80
N LEU B 299 20.87 -10.12 0.06
CA LEU B 299 21.45 -11.31 0.69
C LEU B 299 22.66 -10.98 1.55
N ARG B 300 23.48 -10.03 1.09
CA ARG B 300 24.67 -9.64 1.83
C ARG B 300 24.32 -8.90 3.12
N ARG B 301 23.12 -8.33 3.18
CA ARG B 301 22.71 -7.57 4.36
C ARG B 301 21.99 -8.42 5.41
N ILE B 302 21.56 -9.62 5.03
CA ILE B 302 20.88 -10.52 5.97
C ILE B 302 21.88 -10.75 7.12
N PRO B 303 21.55 -10.31 8.34
CA PRO B 303 22.44 -10.46 9.49
C PRO B 303 22.42 -11.79 10.25
N VAL B 304 21.58 -12.73 9.83
CA VAL B 304 21.51 -14.02 10.49
C VAL B 304 21.94 -15.11 9.51
N LYS B 305 22.07 -16.34 10.00
CA LYS B 305 22.50 -17.45 9.17
C LYS B 305 21.44 -18.55 9.10
N THR B 306 20.29 -18.29 9.72
CA THR B 306 19.21 -19.26 9.73
C THR B 306 17.90 -18.48 10.00
N ARG B 307 16.77 -19.19 9.93
CA ARG B 307 15.45 -18.60 10.09
C ARG B 307 15.11 -17.55 9.02
N TYR B 308 15.75 -17.66 7.86
CA TYR B 308 15.47 -16.77 6.72
C TYR B 308 15.24 -17.63 5.49
N VAL B 309 14.20 -17.31 4.73
CA VAL B 309 13.90 -18.03 3.50
C VAL B 309 13.73 -16.94 2.42
N PHE B 310 14.51 -17.01 1.35
CA PHE B 310 14.36 -16.01 0.30
C PHE B 310 13.10 -16.29 -0.53
N ASN B 311 12.40 -15.22 -0.90
CA ASN B 311 11.22 -15.31 -1.74
C ASN B 311 10.95 -13.88 -2.19
N LEU B 312 9.94 -13.72 -3.03
CA LEU B 312 9.56 -12.40 -3.51
C LEU B 312 8.61 -11.85 -2.47
N GLY B 313 8.24 -10.57 -2.62
CA GLY B 313 7.32 -9.96 -1.68
C GLY B 313 5.88 -10.27 -2.08
N HIS B 314 5.70 -10.93 -3.22
CA HIS B 314 4.38 -11.30 -3.72
C HIS B 314 4.61 -12.35 -4.81
N GLY B 315 3.56 -12.75 -5.51
CA GLY B 315 3.74 -13.76 -6.54
C GLY B 315 4.32 -13.28 -7.87
N LEU B 316 4.89 -14.22 -8.62
CA LEU B 316 5.44 -13.91 -9.93
C LEU B 316 4.26 -13.52 -10.82
N ALA B 317 4.49 -12.59 -11.74
CA ALA B 317 3.45 -12.16 -12.68
C ALA B 317 3.56 -13.01 -13.95
N PRO B 318 2.44 -13.19 -14.67
CA PRO B 318 2.40 -13.98 -15.91
C PRO B 318 3.35 -13.56 -17.02
N ASP B 319 3.70 -12.29 -17.05
CA ASP B 319 4.56 -11.76 -18.10
C ASP B 319 6.05 -11.66 -17.80
N MET B 320 6.50 -12.26 -16.70
CA MET B 320 7.92 -12.20 -16.38
C MET B 320 8.67 -13.28 -17.15
N GLU B 321 9.92 -12.98 -17.49
CA GLU B 321 10.75 -13.89 -18.26
C GLU B 321 11.31 -15.04 -17.42
N LEU B 322 11.02 -16.26 -17.86
CA LEU B 322 11.51 -17.47 -17.19
C LEU B 322 13.02 -17.44 -17.01
N GLU B 323 13.74 -16.94 -18.01
CA GLU B 323 15.20 -16.88 -17.92
C GLU B 323 15.63 -16.03 -16.73
N LYS B 324 14.93 -14.93 -16.50
CA LYS B 324 15.26 -14.03 -15.40
C LYS B 324 14.82 -14.61 -14.07
N VAL B 325 13.73 -15.35 -14.08
CA VAL B 325 13.24 -15.99 -12.86
C VAL B 325 14.27 -17.03 -12.41
N LYS B 326 14.77 -17.81 -13.37
CA LYS B 326 15.77 -18.83 -13.09
C LYS B 326 17.07 -18.18 -12.62
N TYR B 327 17.40 -17.06 -13.25
CA TYR B 327 18.61 -16.32 -12.89
C TYR B 327 18.52 -15.91 -11.40
N LEU B 328 17.36 -15.41 -11.00
CA LEU B 328 17.14 -14.99 -9.62
C LEU B 328 17.31 -16.17 -8.66
N VAL B 329 16.66 -17.28 -8.97
CA VAL B 329 16.75 -18.46 -8.12
C VAL B 329 18.20 -18.90 -7.96
N ASP B 330 18.96 -18.87 -9.05
CA ASP B 330 20.35 -19.28 -9.01
C ASP B 330 21.28 -18.35 -8.24
N LEU B 331 20.94 -17.07 -8.17
CA LEU B 331 21.75 -16.12 -7.41
C LEU B 331 21.68 -16.51 -5.93
N VAL B 332 20.49 -16.86 -5.48
CA VAL B 332 20.30 -17.26 -4.09
C VAL B 332 20.92 -18.63 -3.81
N LYS B 333 20.66 -19.60 -4.70
CA LYS B 333 21.19 -20.96 -4.54
C LYS B 333 22.71 -21.04 -4.46
N SER B 334 23.39 -20.08 -5.07
CA SER B 334 24.85 -20.10 -5.09
C SER B 334 25.50 -19.10 -4.14
N PHE B 335 24.69 -18.45 -3.31
CA PHE B 335 25.24 -17.47 -2.38
C PHE B 335 25.75 -18.15 -1.11
N PRO B 336 27.07 -18.17 -0.90
CA PRO B 336 27.65 -18.80 0.30
C PRO B 336 27.38 -18.04 1.59
N LEU B 337 27.05 -18.79 2.65
CA LEU B 337 26.80 -18.21 3.96
C LEU B 337 28.07 -18.30 4.80
#